data_3KE6
#
_entry.id   3KE6
#
_cell.length_a   100.118
_cell.length_b   100.118
_cell.length_c   169.653
_cell.angle_alpha   90.00
_cell.angle_beta   90.00
_cell.angle_gamma   90.00
#
_symmetry.space_group_name_H-M   'P 43 21 2'
#
loop_
_entity.id
_entity.type
_entity.pdbx_description
1 polymer 'Protein Rv1364c/MT1410'
2 non-polymer 'SULFATE ION'
3 non-polymer GLYCEROL
4 non-polymer 'MANGANESE (II) ION'
5 water water
#
_entity_poly.entity_id   1
_entity_poly.type   'polypeptide(L)'
_entity_poly.pdbx_seq_one_letter_code
;MKHHHHHHPMSDYDIPTTENLYFQGAMVSVPVVPGADIAAEYLVAAEDTAAGGDWFDALALGDRLVLVVGDVVGHGVEAA
AVMSQLRTALRMQISAGYTVVEALEAVDRFHKQVPGSKSATMCVGSLDFTSGEFQYCTAGHPPPLLVTADASARYVEPTG
AGPLGSGTGFPVRSEVLNIGDAILFYTDGLIERPGRPLEASTAEFADLAASIASGSGGFVLDAPARPIDRLCSDTLELLL
RSTGYNDDVTLLAMQRRAPTPPLHITLDATINAARTVRAQLREWLAEIGADHSDIADIVHAISEFVENAVEHGYATDVSK
GIVVAAALAGDGNVRASVIDRGQWKDHRDGARGRGRGLAMAEALVSEARIMHGAGGTTATLTHRLSRPARFVTDTMVRR
;
_entity_poly.pdbx_strand_id   A,B
#
loop_
_chem_comp.id
_chem_comp.type
_chem_comp.name
_chem_comp.formula
GOL non-polymer GLYCEROL 'C3 H8 O3'
MN non-polymer 'MANGANESE (II) ION' 'Mn 2'
SO4 non-polymer 'SULFATE ION' 'O4 S -2'
#
# COMPACT_ATOMS: atom_id res chain seq x y z
N LEU A 21 9.83 -17.31 1.76
CA LEU A 21 10.25 -16.16 2.62
C LEU A 21 10.88 -16.67 3.94
N TYR A 22 12.08 -16.17 4.20
CA TYR A 22 12.91 -16.58 5.34
C TYR A 22 13.30 -15.34 6.15
N PHE A 23 13.67 -15.55 7.43
CA PHE A 23 14.07 -14.43 8.33
C PHE A 23 15.57 -14.46 8.63
N GLN A 24 16.07 -15.63 9.01
CA GLN A 24 17.51 -15.85 9.12
C GLN A 24 17.82 -17.25 8.57
N GLY A 25 17.52 -17.43 7.27
CA GLY A 25 17.55 -18.75 6.63
C GLY A 25 16.51 -19.70 7.17
N ALA A 26 15.63 -19.20 8.03
CA ALA A 26 14.57 -20.02 8.63
C ALA A 26 13.26 -19.73 7.92
N MET A 27 12.50 -20.77 7.59
CA MET A 27 11.20 -20.54 6.96
C MET A 27 10.18 -20.13 8.03
N VAL A 28 9.77 -18.86 7.95
CA VAL A 28 8.74 -18.28 8.81
C VAL A 28 7.39 -18.28 8.10
N SER A 29 7.36 -18.80 6.88
CA SER A 29 6.23 -18.64 5.99
C SER A 29 6.26 -19.67 4.90
N VAL A 30 5.12 -19.92 4.32
CA VAL A 30 4.96 -20.98 3.34
C VAL A 30 4.55 -20.21 2.05
N PRO A 31 4.89 -20.74 0.85
CA PRO A 31 4.52 -20.06 -0.40
C PRO A 31 3.09 -20.39 -0.83
N VAL A 32 2.58 -19.64 -1.81
CA VAL A 32 1.25 -19.90 -2.40
C VAL A 32 1.35 -20.20 -3.91
N VAL A 33 0.63 -21.21 -4.38
CA VAL A 33 0.76 -21.62 -5.77
C VAL A 33 -0.58 -22.06 -6.35
N PRO A 34 -0.67 -22.07 -7.68
CA PRO A 34 -1.96 -22.29 -8.27
C PRO A 34 -2.54 -23.67 -7.95
N GLY A 35 -1.69 -24.69 -7.95
CA GLY A 35 -2.19 -26.07 -7.87
C GLY A 35 -2.07 -26.80 -6.54
N ALA A 36 -1.67 -26.09 -5.48
CA ALA A 36 -1.61 -26.66 -4.12
C ALA A 36 -1.76 -25.58 -3.08
N ASP A 37 -2.47 -25.90 -2.01
CA ASP A 37 -2.54 -25.07 -0.81
C ASP A 37 -1.59 -25.71 0.20
N ILE A 38 -0.83 -24.88 0.90
CA ILE A 38 0.15 -25.37 1.83
C ILE A 38 -0.02 -24.64 3.18
N ALA A 39 0.07 -25.39 4.27
CA ALA A 39 0.05 -24.87 5.62
C ALA A 39 1.16 -25.52 6.43
N ALA A 40 1.65 -24.78 7.42
CA ALA A 40 2.73 -25.24 8.27
C ALA A 40 2.53 -24.76 9.71
N GLU A 41 2.70 -25.68 10.64
CA GLU A 41 2.59 -25.41 12.06
C GLU A 41 3.69 -26.14 12.83
N TYR A 42 4.24 -25.51 13.87
CA TYR A 42 5.30 -26.13 14.62
C TYR A 42 5.43 -25.65 16.07
N LEU A 43 6.01 -26.53 16.89
CA LEU A 43 6.29 -26.24 18.29
C LEU A 43 7.75 -26.63 18.54
N VAL A 44 8.36 -25.94 19.50
CA VAL A 44 9.75 -26.16 19.83
C VAL A 44 9.86 -26.55 21.30
N ALA A 45 10.39 -27.76 21.57
CA ALA A 45 10.51 -28.33 22.93
C ALA A 45 11.10 -27.40 23.99
N ALA A 46 12.12 -26.62 23.61
CA ALA A 46 12.77 -25.69 24.54
C ALA A 46 11.89 -24.48 24.82
N GLU A 47 12.35 -23.63 25.73
CA GLU A 47 11.63 -22.41 26.07
C GLU A 47 12.46 -21.23 25.57
N ASP A 48 11.78 -20.17 25.12
CA ASP A 48 12.43 -18.93 24.70
C ASP A 48 13.49 -19.16 23.60
N THR A 49 13.19 -20.04 22.64
CA THR A 49 14.06 -20.25 21.49
C THR A 49 13.19 -20.43 20.24
N ALA A 50 13.64 -19.86 19.12
CA ALA A 50 12.85 -19.90 17.88
C ALA A 50 13.02 -21.18 17.05
N ALA A 51 13.92 -22.07 17.46
CA ALA A 51 14.21 -23.26 16.64
C ALA A 51 14.89 -24.39 17.42
N GLY A 52 14.70 -25.61 16.93
CA GLY A 52 15.29 -26.80 17.53
C GLY A 52 15.82 -27.71 16.43
N GLY A 53 15.68 -29.01 16.63
CA GLY A 53 16.25 -29.98 15.71
C GLY A 53 15.37 -30.22 14.50
N ASP A 54 14.19 -29.61 14.50
CA ASP A 54 13.22 -29.74 13.41
C ASP A 54 13.30 -28.57 12.41
N TRP A 55 12.99 -28.88 11.16
CA TRP A 55 12.65 -27.83 10.22
C TRP A 55 11.71 -28.36 9.17
N PHE A 56 11.08 -27.43 8.46
CA PHE A 56 10.24 -27.75 7.31
C PHE A 56 10.67 -26.79 6.20
N ASP A 57 10.30 -27.12 4.97
CA ASP A 57 10.56 -26.26 3.85
C ASP A 57 9.57 -26.59 2.74
N ALA A 58 9.26 -25.57 1.94
CA ALA A 58 8.36 -25.71 0.80
C ALA A 58 8.90 -24.79 -0.30
N LEU A 59 9.38 -25.38 -1.39
CA LEU A 59 9.97 -24.61 -2.46
C LEU A 59 9.08 -24.72 -3.69
N ALA A 60 8.54 -23.59 -4.14
CA ALA A 60 7.78 -23.52 -5.38
C ALA A 60 8.76 -23.32 -6.52
N LEU A 61 8.99 -24.35 -7.32
CA LEU A 61 9.97 -24.34 -8.40
C LEU A 61 9.38 -24.35 -9.82
N GLY A 62 8.16 -23.85 -10.00
CA GLY A 62 7.60 -23.64 -11.34
C GLY A 62 6.72 -24.78 -11.81
N ASP A 63 7.35 -25.83 -12.32
CA ASP A 63 6.62 -27.03 -12.75
C ASP A 63 6.36 -28.00 -11.60
N ARG A 64 6.89 -27.70 -10.41
CA ARG A 64 6.69 -28.57 -9.26
C ARG A 64 6.83 -27.85 -7.92
N LEU A 65 6.30 -28.51 -6.88
CA LEU A 65 6.38 -28.09 -5.49
C LEU A 65 7.17 -29.14 -4.68
N VAL A 66 8.22 -28.70 -3.99
CA VAL A 66 9.04 -29.61 -3.17
C VAL A 66 8.86 -29.32 -1.67
N LEU A 67 8.47 -30.36 -0.94
CA LEU A 67 8.18 -30.28 0.49
C LEU A 67 9.26 -30.97 1.30
N VAL A 68 9.60 -30.42 2.45
CA VAL A 68 10.67 -30.97 3.28
C VAL A 68 10.28 -30.91 4.72
N VAL A 69 10.44 -32.02 5.42
CA VAL A 69 10.43 -32.03 6.88
C VAL A 69 11.66 -32.82 7.34
N GLY A 70 12.35 -32.32 8.37
CA GLY A 70 13.54 -33.00 8.90
C GLY A 70 13.67 -32.91 10.41
N ASP A 71 14.39 -33.89 10.99
CA ASP A 71 14.59 -34.00 12.45
C ASP A 71 16.05 -34.35 12.76
N VAL A 72 16.73 -33.47 13.49
CA VAL A 72 18.11 -33.67 13.90
C VAL A 72 18.11 -34.15 15.36
N VAL A 73 18.99 -35.09 15.69
CA VAL A 73 18.99 -35.70 17.04
C VAL A 73 19.38 -34.71 18.15
N GLY A 74 18.62 -34.70 19.24
CA GLY A 74 19.04 -34.09 20.52
C GLY A 74 18.96 -32.58 20.69
N HIS A 75 17.75 -32.03 20.60
CA HIS A 75 17.50 -30.55 20.66
C HIS A 75 17.38 -29.94 22.07
N GLY A 76 18.35 -29.13 22.51
CA GLY A 76 19.63 -28.87 21.83
C GLY A 76 19.79 -27.53 21.13
N VAL A 77 20.54 -26.64 21.77
CA VAL A 77 21.10 -25.46 21.09
C VAL A 77 21.98 -25.97 19.95
N GLU A 78 22.81 -26.96 20.26
CA GLU A 78 23.66 -27.64 19.28
C GLU A 78 22.85 -28.23 18.12
N ALA A 79 21.66 -28.76 18.42
CA ALA A 79 20.80 -29.35 17.39
C ALA A 79 20.27 -28.34 16.35
N ALA A 80 19.96 -27.12 16.79
CA ALA A 80 19.53 -26.06 15.87
C ALA A 80 20.62 -25.79 14.81
N ALA A 81 21.86 -25.59 15.28
CA ALA A 81 23.00 -25.32 14.42
C ALA A 81 23.16 -26.38 13.32
N VAL A 82 23.07 -27.64 13.70
CA VAL A 82 23.07 -28.76 12.75
C VAL A 82 21.87 -28.65 11.80
N MET A 83 20.69 -28.39 12.32
CA MET A 83 19.50 -28.24 11.47
C MET A 83 19.67 -27.13 10.44
N SER A 84 20.23 -26.00 10.87
CA SER A 84 20.39 -24.83 10.02
C SER A 84 21.26 -25.13 8.79
N GLN A 85 22.33 -25.89 9.01
CA GLN A 85 23.24 -26.25 7.94
C GLN A 85 22.61 -27.24 6.94
N LEU A 86 21.86 -28.20 7.46
CA LEU A 86 21.24 -29.21 6.62
C LEU A 86 20.16 -28.60 5.78
N ARG A 87 19.38 -27.74 6.42
CA ARG A 87 18.34 -27.02 5.73
C ARG A 87 18.94 -26.21 4.57
N THR A 88 19.94 -25.40 4.85
CA THR A 88 20.57 -24.61 3.79
C THR A 88 21.16 -25.52 2.70
N ALA A 89 21.72 -26.66 3.11
CA ALA A 89 22.30 -27.59 2.17
C ALA A 89 21.24 -28.21 1.26
N LEU A 90 20.12 -28.65 1.81
CA LEU A 90 19.09 -29.29 1.00
C LEU A 90 18.45 -28.28 0.07
N ARG A 91 18.18 -27.08 0.58
CA ARG A 91 17.57 -26.01 -0.21
C ARG A 91 18.41 -25.65 -1.42
N MET A 92 19.72 -25.63 -1.24
CA MET A 92 20.61 -25.21 -2.29
C MET A 92 20.53 -26.19 -3.47
N GLN A 93 20.51 -27.48 -3.15
CA GLN A 93 20.46 -28.50 -4.18
C GLN A 93 19.10 -28.57 -4.86
N ILE A 94 18.04 -28.52 -4.08
CA ILE A 94 16.71 -28.57 -4.65
C ILE A 94 16.50 -27.37 -5.57
N SER A 95 16.89 -26.19 -5.12
CA SER A 95 16.57 -25.00 -5.87
C SER A 95 17.46 -24.85 -7.10
N ALA A 96 18.57 -25.57 -7.11
CA ALA A 96 19.46 -25.62 -8.28
C ALA A 96 18.95 -26.61 -9.33
N GLY A 97 17.84 -27.30 -9.03
CA GLY A 97 17.17 -28.14 -10.02
C GLY A 97 17.52 -29.61 -10.02
N TYR A 98 18.28 -30.06 -9.02
CA TYR A 98 18.54 -31.50 -8.83
C TYR A 98 17.27 -32.21 -8.37
N THR A 99 17.16 -33.50 -8.69
CA THR A 99 15.98 -34.27 -8.30
C THR A 99 16.05 -34.56 -6.81
N VAL A 100 14.94 -35.05 -6.26
CA VAL A 100 14.87 -35.39 -4.86
C VAL A 100 16.00 -36.35 -4.48
N VAL A 101 16.22 -37.37 -5.31
CA VAL A 101 17.22 -38.36 -4.99
C VAL A 101 18.60 -37.72 -5.02
N GLU A 102 18.90 -37.00 -6.09
CA GLU A 102 20.20 -36.37 -6.23
C GLU A 102 20.45 -35.38 -5.10
N ALA A 103 19.42 -34.66 -4.68
CA ALA A 103 19.58 -33.66 -3.61
C ALA A 103 19.90 -34.36 -2.30
N LEU A 104 19.08 -35.35 -1.95
CA LEU A 104 19.29 -36.10 -0.73
C LEU A 104 20.69 -36.72 -0.66
N GLU A 105 21.18 -37.20 -1.80
CA GLU A 105 22.51 -37.82 -1.88
C GLU A 105 23.64 -36.81 -1.74
N ALA A 106 23.40 -35.58 -2.18
CA ALA A 106 24.39 -34.51 -2.02
C ALA A 106 24.53 -34.20 -0.54
N VAL A 107 23.40 -34.22 0.15
CA VAL A 107 23.34 -33.87 1.56
C VAL A 107 23.99 -34.96 2.36
N ASP A 108 23.71 -36.20 2.01
CA ASP A 108 24.24 -37.33 2.73
C ASP A 108 25.76 -37.35 2.64
N ARG A 109 26.28 -37.01 1.48
CA ARG A 109 27.73 -36.92 1.32
C ARG A 109 28.28 -35.71 2.10
N PHE A 110 27.51 -34.62 2.15
CA PHE A 110 27.89 -33.42 2.90
C PHE A 110 27.98 -33.66 4.40
N HIS A 111 27.11 -34.52 4.93
CA HIS A 111 27.03 -34.71 6.39
C HIS A 111 28.40 -34.94 7.07
N LYS A 112 29.31 -35.66 6.41
CA LYS A 112 30.67 -35.86 6.94
C LYS A 112 31.30 -34.58 7.52
N GLN A 113 30.98 -33.44 6.90
CA GLN A 113 31.54 -32.14 7.30
C GLN A 113 30.71 -31.45 8.37
N VAL A 114 29.53 -32.00 8.68
CA VAL A 114 28.62 -31.39 9.66
C VAL A 114 28.51 -32.29 10.89
N PRO A 115 29.41 -32.12 11.87
CA PRO A 115 29.31 -32.94 13.10
C PRO A 115 27.91 -32.88 13.74
N GLY A 116 27.43 -34.02 14.22
CA GLY A 116 26.08 -34.12 14.78
C GLY A 116 24.99 -34.37 13.76
N SER A 117 25.34 -34.36 12.48
CA SER A 117 24.36 -34.53 11.41
C SER A 117 24.04 -35.99 11.11
N LYS A 118 24.85 -36.91 11.61
CA LYS A 118 24.62 -38.33 11.38
C LYS A 118 23.34 -38.75 12.08
N SER A 119 22.50 -39.47 11.35
CA SER A 119 21.23 -39.98 11.83
C SER A 119 20.13 -38.90 11.88
N ALA A 120 20.44 -37.69 11.44
CA ALA A 120 19.37 -36.77 11.06
C ALA A 120 18.46 -37.54 10.11
N THR A 121 17.15 -37.35 10.26
CA THR A 121 16.17 -37.96 9.35
C THR A 121 15.35 -36.90 8.58
N MET A 122 14.91 -37.28 7.39
CA MET A 122 14.22 -36.37 6.50
C MET A 122 13.14 -37.06 5.72
N CYS A 123 12.12 -36.30 5.39
CA CYS A 123 11.13 -36.73 4.46
C CYS A 123 10.93 -35.62 3.40
N VAL A 124 11.27 -35.94 2.15
CA VAL A 124 11.20 -35.00 1.05
C VAL A 124 10.24 -35.50 -0.02
N GLY A 125 9.42 -34.60 -0.56
CA GLY A 125 8.50 -34.93 -1.64
C GLY A 125 8.39 -33.86 -2.71
N SER A 126 8.09 -34.30 -3.94
CA SER A 126 7.97 -33.41 -5.08
C SER A 126 6.66 -33.65 -5.79
N LEU A 127 5.83 -32.61 -5.88
CA LEU A 127 4.56 -32.67 -6.55
C LEU A 127 4.70 -32.17 -7.97
N ASP A 128 4.30 -32.97 -8.95
CA ASP A 128 4.15 -32.50 -10.32
C ASP A 128 2.75 -31.87 -10.50
N PHE A 129 2.70 -30.57 -10.76
CA PHE A 129 1.43 -29.86 -10.91
C PHE A 129 0.54 -30.40 -12.02
N THR A 130 1.12 -30.82 -13.14
CA THR A 130 0.32 -31.42 -14.23
C THR A 130 -0.34 -32.76 -13.87
N SER A 131 0.43 -33.71 -13.33
CA SER A 131 -0.04 -35.10 -13.23
C SER A 131 -0.54 -35.55 -11.85
N GLY A 132 -0.27 -34.76 -10.82
CA GLY A 132 -0.60 -35.17 -9.44
C GLY A 132 0.44 -36.14 -8.88
N GLU A 133 1.43 -36.49 -9.71
CA GLU A 133 2.46 -37.41 -9.30
C GLU A 133 3.26 -36.77 -8.20
N PHE A 134 3.34 -37.47 -7.07
CA PHE A 134 4.05 -37.01 -5.89
C PHE A 134 5.17 -38.00 -5.50
N GLN A 135 6.38 -37.71 -5.94
CA GLN A 135 7.54 -38.55 -5.69
C GLN A 135 8.15 -38.20 -4.34
N TYR A 136 8.32 -39.19 -3.48
CA TYR A 136 8.74 -38.92 -2.12
C TYR A 136 9.75 -39.95 -1.59
N CYS A 137 10.54 -39.50 -0.62
CA CYS A 137 11.54 -40.30 0.06
C CYS A 137 11.41 -40.10 1.57
N THR A 138 11.44 -41.21 2.30
CA THR A 138 11.35 -41.26 3.74
C THR A 138 12.70 -41.71 4.27
N ALA A 139 13.62 -40.76 4.44
CA ALA A 139 14.97 -41.06 4.91
C ALA A 139 14.96 -41.30 6.42
N GLY A 140 14.75 -42.55 6.82
CA GLY A 140 14.64 -42.93 8.23
C GLY A 140 13.60 -42.10 8.95
N HIS A 141 12.57 -41.71 8.22
CA HIS A 141 11.59 -40.74 8.71
C HIS A 141 10.20 -41.36 8.66
N PRO A 142 9.38 -41.10 9.68
CA PRO A 142 8.05 -41.67 9.68
C PRO A 142 7.25 -41.17 8.47
N PRO A 143 6.50 -42.08 7.82
CA PRO A 143 5.95 -41.77 6.50
C PRO A 143 4.77 -40.83 6.58
N PRO A 144 4.56 -40.01 5.53
CA PRO A 144 3.43 -39.10 5.38
C PRO A 144 2.06 -39.73 5.52
N LEU A 145 1.12 -38.95 6.06
CA LEU A 145 -0.29 -39.31 6.08
C LEU A 145 -0.89 -38.76 4.80
N LEU A 146 -1.74 -39.54 4.14
CA LEU A 146 -2.52 -39.03 3.00
C LEU A 146 -3.99 -38.97 3.42
N VAL A 147 -4.56 -37.78 3.36
CA VAL A 147 -5.99 -37.61 3.54
C VAL A 147 -6.58 -37.33 2.17
N THR A 148 -7.45 -38.23 1.69
CA THR A 148 -8.01 -38.08 0.37
C THR A 148 -9.19 -37.13 0.38
N ALA A 149 -9.68 -36.81 -0.82
CA ALA A 149 -10.86 -35.96 -1.01
C ALA A 149 -12.09 -36.48 -0.26
N ASP A 150 -12.34 -37.77 -0.32
CA ASP A 150 -13.47 -38.33 0.43
C ASP A 150 -13.05 -38.77 1.84
N ALA A 151 -12.16 -37.97 2.44
CA ALA A 151 -11.87 -38.03 3.88
C ALA A 151 -11.49 -39.42 4.36
N SER A 152 -10.62 -40.08 3.59
CA SER A 152 -9.99 -41.29 4.03
C SER A 152 -8.54 -40.92 4.30
N ALA A 153 -8.08 -41.22 5.51
CA ALA A 153 -6.67 -41.06 5.84
C ALA A 153 -6.05 -42.44 5.69
N ARG A 154 -4.75 -42.47 5.47
CA ARG A 154 -3.96 -43.69 5.49
C ARG A 154 -2.55 -43.25 5.29
N TYR A 155 -1.61 -43.96 5.90
CA TYR A 155 -0.22 -43.66 5.74
C TYR A 155 0.24 -44.17 4.40
N VAL A 156 1.07 -43.38 3.73
CA VAL A 156 1.77 -43.85 2.53
C VAL A 156 2.83 -44.81 3.01
N GLU A 157 3.30 -45.68 2.12
CA GLU A 157 4.30 -46.70 2.48
C GLU A 157 5.70 -46.09 2.64
N PRO A 158 6.48 -46.56 3.65
CA PRO A 158 7.88 -46.13 3.75
C PRO A 158 8.68 -46.55 2.51
N THR A 159 9.59 -45.68 2.07
CA THR A 159 10.27 -45.85 0.78
C THR A 159 11.42 -46.83 0.90
N GLY A 160 11.89 -47.06 2.12
CA GLY A 160 12.99 -47.98 2.38
C GLY A 160 14.29 -47.25 2.64
N ALA A 161 14.30 -45.95 2.43
CA ALA A 161 15.42 -45.11 2.79
C ALA A 161 15.58 -45.06 4.31
N GLY A 162 16.82 -44.82 4.73
CA GLY A 162 17.20 -44.67 6.15
C GLY A 162 17.77 -43.28 6.36
N PRO A 163 18.19 -42.97 7.58
CA PRO A 163 18.66 -41.60 7.87
C PRO A 163 20.00 -41.31 7.24
N LEU A 164 20.47 -40.06 7.38
CA LEU A 164 21.82 -39.69 6.94
C LEU A 164 22.88 -40.58 7.56
N GLY A 165 23.86 -40.98 6.73
CA GLY A 165 24.96 -41.80 7.18
C GLY A 165 24.50 -43.21 7.48
N SER A 166 23.63 -43.75 6.63
CA SER A 166 23.16 -45.12 6.79
C SER A 166 23.55 -46.03 5.62
N GLY A 167 24.10 -45.45 4.55
CA GLY A 167 24.47 -46.24 3.36
C GLY A 167 23.33 -47.00 2.71
N THR A 168 22.10 -46.66 3.06
CA THR A 168 20.93 -47.32 2.53
C THR A 168 20.61 -46.82 1.12
N GLY A 169 21.13 -45.64 0.79
CA GLY A 169 20.78 -44.96 -0.46
C GLY A 169 19.56 -44.14 -0.18
N PHE A 170 18.85 -43.73 -1.24
CA PHE A 170 17.65 -42.92 -1.12
C PHE A 170 16.61 -43.28 -2.18
N PRO A 171 16.10 -44.52 -2.13
CA PRO A 171 15.03 -44.96 -3.02
C PRO A 171 13.76 -44.14 -2.85
N VAL A 172 12.96 -44.04 -3.91
CA VAL A 172 11.80 -43.13 -3.94
C VAL A 172 10.56 -43.81 -4.50
N ARG A 173 9.39 -43.49 -3.96
CA ARG A 173 8.12 -44.05 -4.43
C ARG A 173 7.24 -42.94 -4.93
N SER A 174 6.09 -43.29 -5.52
CA SER A 174 5.14 -42.32 -6.00
C SER A 174 3.71 -42.62 -5.59
N GLU A 175 2.93 -41.56 -5.39
CA GLU A 175 1.49 -41.67 -5.19
C GLU A 175 0.88 -40.61 -6.07
N VAL A 176 -0.27 -40.91 -6.68
CA VAL A 176 -1.00 -39.91 -7.45
C VAL A 176 -2.03 -39.25 -6.54
N LEU A 177 -1.89 -37.94 -6.37
CA LEU A 177 -2.86 -37.15 -5.61
C LEU A 177 -3.85 -36.50 -6.56
N ASN A 178 -5.14 -36.72 -6.34
CA ASN A 178 -6.18 -36.09 -7.18
C ASN A 178 -6.50 -34.68 -6.68
N ILE A 179 -7.43 -33.98 -7.32
CA ILE A 179 -7.82 -32.68 -6.79
C ILE A 179 -8.56 -32.91 -5.46
N GLY A 180 -8.13 -32.21 -4.40
CA GLY A 180 -8.75 -32.33 -3.08
C GLY A 180 -8.01 -33.29 -2.16
N ASP A 181 -7.08 -34.05 -2.71
CA ASP A 181 -6.28 -34.95 -1.90
C ASP A 181 -5.22 -34.12 -1.17
N ALA A 182 -5.03 -34.38 0.11
CA ALA A 182 -3.99 -33.74 0.91
C ALA A 182 -2.95 -34.76 1.44
N ILE A 183 -1.76 -34.25 1.74
CA ILE A 183 -0.68 -35.06 2.30
C ILE A 183 0.01 -34.32 3.45
N LEU A 184 0.33 -35.04 4.52
CA LEU A 184 0.83 -34.44 5.75
C LEU A 184 2.23 -34.95 6.15
N PHE A 185 3.23 -34.13 5.94
CA PHE A 185 4.57 -34.35 6.46
C PHE A 185 4.59 -33.92 7.91
N TYR A 186 5.23 -34.71 8.78
CA TYR A 186 5.30 -34.42 10.21
C TYR A 186 6.58 -35.00 10.83
N THR A 187 6.93 -34.55 12.03
CA THR A 187 8.05 -35.13 12.76
C THR A 187 7.52 -36.05 13.84
N ASP A 188 8.41 -36.88 14.37
CA ASP A 188 8.05 -37.89 15.36
C ASP A 188 7.48 -37.32 16.65
N GLY A 189 7.72 -36.03 16.86
CA GLY A 189 7.14 -35.33 18.01
C GLY A 189 5.63 -35.37 17.99
N LEU A 190 5.05 -35.44 16.81
CA LEU A 190 3.60 -35.43 16.66
C LEU A 190 2.98 -36.72 17.15
N ILE A 191 3.66 -37.83 16.94
CA ILE A 191 3.09 -39.12 17.29
C ILE A 191 3.71 -39.79 18.52
N GLU A 192 4.86 -39.31 18.99
CA GLU A 192 5.48 -39.81 20.23
C GLU A 192 5.19 -38.86 21.39
N ARG A 193 3.90 -38.73 21.70
CA ARG A 193 3.42 -37.83 22.76
C ARG A 193 3.46 -38.56 24.11
N PRO A 194 3.68 -37.81 25.20
CA PRO A 194 3.68 -38.38 26.55
C PRO A 194 2.48 -39.30 26.83
N GLY A 195 2.74 -40.42 27.51
CA GLY A 195 1.70 -41.37 27.92
C GLY A 195 0.87 -41.92 26.77
N ARG A 196 1.48 -42.11 25.60
CA ARG A 196 0.78 -42.64 24.43
C ARG A 196 1.69 -43.59 23.65
N PRO A 197 1.27 -44.86 23.46
CA PRO A 197 2.08 -45.80 22.71
C PRO A 197 1.99 -45.55 21.20
N LEU A 198 3.10 -45.83 20.52
CA LEU A 198 3.30 -45.49 19.09
C LEU A 198 2.15 -45.88 18.15
N GLU A 199 1.74 -47.14 18.19
CA GLU A 199 0.75 -47.66 17.26
C GLU A 199 -0.64 -47.08 17.54
N ALA A 200 -0.93 -46.78 18.80
CA ALA A 200 -2.17 -46.09 19.18
C ALA A 200 -2.15 -44.62 18.73
N SER A 201 -1.02 -43.96 18.96
CA SER A 201 -0.85 -42.55 18.68
C SER A 201 -0.79 -42.29 17.16
N THR A 202 -0.15 -43.21 16.44
CA THR A 202 -0.19 -43.22 14.98
C THR A 202 -1.63 -43.30 14.46
N ALA A 203 -2.40 -44.28 14.96
CA ALA A 203 -3.78 -44.49 14.51
C ALA A 203 -4.74 -43.34 14.90
N GLU A 204 -4.36 -42.53 15.88
CA GLU A 204 -5.20 -41.44 16.35
C GLU A 204 -5.04 -40.23 15.45
N PHE A 205 -3.80 -39.96 15.06
CA PHE A 205 -3.47 -38.94 14.10
C PHE A 205 -4.25 -39.20 12.81
N ALA A 206 -4.15 -40.41 12.27
CA ALA A 206 -4.89 -40.78 11.04
C ALA A 206 -6.39 -40.56 11.15
N ASP A 207 -7.01 -41.14 12.18
CA ASP A 207 -8.48 -41.05 12.37
C ASP A 207 -8.96 -39.61 12.52
N LEU A 208 -8.19 -38.80 13.23
CA LEU A 208 -8.54 -37.41 13.51
C LEU A 208 -8.45 -36.57 12.24
N ALA A 209 -7.38 -36.76 11.48
CA ALA A 209 -7.25 -36.15 10.18
C ALA A 209 -8.46 -36.50 9.31
N ALA A 210 -8.93 -37.74 9.39
CA ALA A 210 -10.10 -38.18 8.64
C ALA A 210 -11.32 -37.45 9.16
N SER A 211 -11.43 -37.40 10.48
CA SER A 211 -12.58 -36.80 11.14
C SER A 211 -12.73 -35.32 10.77
N ILE A 212 -11.66 -34.55 10.96
CA ILE A 212 -11.66 -33.13 10.66
C ILE A 212 -12.01 -32.85 9.20
N ALA A 213 -11.54 -33.72 8.30
CA ALA A 213 -11.81 -33.55 6.87
C ALA A 213 -13.28 -33.84 6.41
N SER A 214 -14.21 -34.08 7.32
CA SER A 214 -15.61 -34.16 6.93
C SER A 214 -16.49 -33.37 7.89
N ALA A 225 -10.83 -19.57 6.68
CA ALA A 225 -9.56 -20.16 6.23
C ALA A 225 -9.70 -21.00 4.94
N ARG A 226 -8.68 -21.80 4.64
CA ARG A 226 -8.74 -22.79 3.56
C ARG A 226 -8.81 -24.17 4.21
N PRO A 227 -9.34 -25.16 3.49
CA PRO A 227 -9.45 -26.45 4.15
C PRO A 227 -8.12 -26.99 4.69
N ILE A 228 -7.02 -26.81 3.98
CA ILE A 228 -5.72 -27.31 4.50
C ILE A 228 -5.30 -26.64 5.80
N ASP A 229 -5.67 -25.39 6.00
CA ASP A 229 -5.32 -24.69 7.23
C ASP A 229 -5.96 -25.37 8.43
N ARG A 230 -7.27 -25.59 8.40
CA ARG A 230 -7.94 -26.23 9.54
C ARG A 230 -7.54 -27.70 9.68
N LEU A 231 -7.35 -28.40 8.57
CA LEU A 231 -6.85 -29.76 8.64
C LEU A 231 -5.52 -29.79 9.39
N CYS A 232 -4.68 -28.78 9.14
CA CYS A 232 -3.36 -28.70 9.74
C CYS A 232 -3.45 -28.23 11.18
N SER A 233 -4.14 -27.11 11.37
CA SER A 233 -4.34 -26.49 12.67
C SER A 233 -5.05 -27.43 13.67
N ASP A 234 -6.21 -27.95 13.28
CA ASP A 234 -7.07 -28.66 14.22
C ASP A 234 -6.54 -30.04 14.61
N THR A 235 -5.98 -30.74 13.63
CA THR A 235 -5.28 -31.98 13.91
C THR A 235 -4.28 -31.78 15.03
N LEU A 236 -3.39 -30.81 14.86
CA LEU A 236 -2.26 -30.64 15.79
C LEU A 236 -2.70 -30.23 17.21
N GLU A 237 -3.72 -29.37 17.29
CA GLU A 237 -4.17 -28.81 18.57
C GLU A 237 -5.08 -29.77 19.37
N LEU A 238 -5.80 -30.64 18.69
CA LEU A 238 -6.51 -31.72 19.38
C LEU A 238 -5.54 -32.82 19.81
N LEU A 239 -4.61 -33.20 18.93
CA LEU A 239 -3.60 -34.20 19.29
C LEU A 239 -2.80 -33.82 20.54
N LEU A 240 -2.56 -32.53 20.73
CA LEU A 240 -1.76 -32.05 21.85
C LEU A 240 -2.58 -31.37 22.95
N ARG A 241 -3.87 -31.16 22.71
CA ARG A 241 -4.78 -30.47 23.63
C ARG A 241 -4.53 -30.83 25.09
N SER A 242 -4.68 -32.12 25.39
CA SER A 242 -4.56 -32.62 26.75
C SER A 242 -3.19 -33.25 26.99
N THR A 243 -2.69 -33.93 25.97
CA THR A 243 -1.54 -34.82 26.11
C THR A 243 -0.19 -34.08 26.23
N GLY A 244 -0.14 -32.81 25.82
CA GLY A 244 1.12 -32.05 25.83
C GLY A 244 2.12 -32.56 24.81
N TYR A 245 3.36 -32.08 24.90
CA TYR A 245 4.42 -32.48 23.96
C TYR A 245 5.76 -32.54 24.66
N ASN A 246 6.67 -33.37 24.16
CA ASN A 246 8.01 -33.50 24.75
C ASN A 246 9.22 -33.44 23.79
N ASP A 247 8.98 -33.30 22.48
CA ASP A 247 10.03 -33.17 21.48
C ASP A 247 9.68 -31.92 20.67
N ASP A 248 10.44 -31.64 19.62
CA ASP A 248 10.00 -30.68 18.62
C ASP A 248 8.84 -31.29 17.86
N VAL A 249 7.91 -30.45 17.39
CA VAL A 249 6.78 -30.91 16.57
C VAL A 249 6.62 -30.01 15.35
N THR A 250 6.51 -30.63 14.19
CA THR A 250 6.44 -29.93 12.94
C THR A 250 5.46 -30.66 12.09
N LEU A 251 4.49 -29.92 11.56
CA LEU A 251 3.49 -30.48 10.66
C LEU A 251 3.40 -29.59 9.42
N LEU A 252 3.53 -30.19 8.25
CA LEU A 252 3.57 -29.44 7.00
C LEU A 252 2.61 -30.12 6.08
N ALA A 253 1.52 -29.43 5.74
CA ALA A 253 0.41 -30.05 5.02
C ALA A 253 0.22 -29.35 3.72
N MET A 254 -0.12 -30.12 2.69
CA MET A 254 -0.50 -29.56 1.43
C MET A 254 -1.64 -30.33 0.78
N GLN A 255 -2.61 -29.61 0.25
CA GLN A 255 -3.70 -30.23 -0.48
C GLN A 255 -3.59 -29.79 -1.92
N ARG A 256 -3.77 -30.74 -2.82
CA ARG A 256 -3.82 -30.42 -4.23
C ARG A 256 -5.16 -29.76 -4.53
N ARG A 257 -5.14 -28.74 -5.39
CA ARG A 257 -6.35 -28.03 -5.82
C ARG A 257 -6.31 -27.77 -7.31
N ALA A 258 -7.50 -27.55 -7.88
CA ALA A 258 -7.62 -26.98 -9.22
C ALA A 258 -7.16 -25.49 -9.22
N PRO A 259 -6.32 -25.12 -10.17
CA PRO A 259 -5.86 -23.71 -10.25
C PRO A 259 -6.95 -22.70 -10.57
N THR A 260 -6.96 -21.61 -9.83
CA THR A 260 -7.76 -20.46 -10.18
C THR A 260 -7.30 -19.92 -11.56
N PRO A 261 -8.25 -19.73 -12.48
CA PRO A 261 -7.83 -19.14 -13.73
C PRO A 261 -7.21 -17.74 -13.55
N PRO A 262 -6.42 -17.27 -14.53
CA PRO A 262 -5.86 -15.91 -14.47
C PRO A 262 -6.92 -14.79 -14.52
N LEU A 263 -6.58 -13.61 -14.05
CA LEU A 263 -7.46 -12.48 -14.09
C LEU A 263 -7.16 -11.62 -15.31
N HIS A 264 -8.24 -11.22 -15.99
CA HIS A 264 -8.16 -10.30 -17.11
CA HIS A 264 -8.14 -10.30 -17.09
C HIS A 264 -9.38 -9.39 -17.16
N ILE A 265 -9.17 -8.09 -17.20
CA ILE A 265 -10.27 -7.14 -17.24
C ILE A 265 -9.91 -6.09 -18.26
N THR A 266 -10.90 -5.67 -19.04
CA THR A 266 -10.75 -4.60 -20.02
C THR A 266 -11.81 -3.55 -19.68
N LEU A 267 -11.38 -2.36 -19.25
CA LEU A 267 -12.27 -1.32 -18.74
C LEU A 267 -12.16 0.00 -19.45
N ASP A 268 -13.18 0.82 -19.31
CA ASP A 268 -13.13 2.16 -19.81
C ASP A 268 -12.26 2.97 -18.88
N ALA A 269 -11.52 3.95 -19.42
CA ALA A 269 -10.69 4.81 -18.57
C ALA A 269 -11.60 5.87 -17.96
N THR A 270 -12.32 5.44 -16.93
CA THR A 270 -13.36 6.21 -16.26
C THR A 270 -12.92 6.42 -14.82
N ILE A 271 -13.65 7.26 -14.12
CA ILE A 271 -13.35 7.58 -12.75
C ILE A 271 -13.58 6.41 -11.79
N ASN A 272 -14.37 5.42 -12.22
CA ASN A 272 -14.70 4.24 -11.43
C ASN A 272 -13.90 3.02 -11.75
N ALA A 273 -12.84 3.19 -12.54
CA ALA A 273 -12.16 2.04 -13.08
C ALA A 273 -11.43 1.32 -11.99
N ALA A 274 -10.88 2.11 -11.06
CA ALA A 274 -10.00 1.58 -10.06
C ALA A 274 -10.84 0.80 -9.06
N ARG A 275 -12.05 1.29 -8.82
CA ARG A 275 -12.94 0.68 -7.86
C ARG A 275 -13.37 -0.65 -8.44
N THR A 276 -13.58 -0.68 -9.73
CA THR A 276 -13.95 -1.93 -10.41
C THR A 276 -12.83 -2.95 -10.35
N VAL A 277 -11.63 -2.54 -10.74
CA VAL A 277 -10.46 -3.42 -10.65
C VAL A 277 -10.19 -3.94 -9.23
N ARG A 278 -10.06 -3.05 -8.25
CA ARG A 278 -9.94 -3.46 -6.84
C ARG A 278 -10.98 -4.53 -6.47
N ALA A 279 -12.25 -4.33 -6.76
CA ALA A 279 -13.23 -5.35 -6.30
C ALA A 279 -12.83 -6.72 -6.85
N GLN A 280 -12.63 -6.79 -8.16
CA GLN A 280 -12.32 -8.04 -8.82
C GLN A 280 -10.98 -8.60 -8.41
N LEU A 281 -9.99 -7.75 -8.26
CA LEU A 281 -8.70 -8.20 -7.76
C LEU A 281 -8.77 -8.84 -6.35
N ARG A 282 -9.61 -8.27 -5.49
CA ARG A 282 -9.87 -8.88 -4.20
C ARG A 282 -10.55 -10.24 -4.33
N GLU A 283 -11.62 -10.36 -5.12
CA GLU A 283 -12.22 -11.67 -5.30
C GLU A 283 -11.12 -12.65 -5.68
N TRP A 284 -10.43 -12.31 -6.76
CA TRP A 284 -9.44 -13.16 -7.36
C TRP A 284 -8.39 -13.64 -6.36
N LEU A 285 -7.85 -12.71 -5.57
CA LEU A 285 -6.75 -13.04 -4.66
C LEU A 285 -7.26 -13.88 -3.48
N ALA A 286 -8.53 -13.73 -3.15
CA ALA A 286 -9.17 -14.61 -2.17
C ALA A 286 -9.23 -16.04 -2.72
N GLU A 287 -9.58 -16.19 -3.99
CA GLU A 287 -9.66 -17.52 -4.63
C GLU A 287 -8.27 -18.11 -4.66
N ILE A 288 -7.29 -17.30 -5.06
CA ILE A 288 -5.90 -17.71 -5.04
C ILE A 288 -5.46 -18.21 -3.68
N GLY A 289 -5.95 -17.55 -2.62
CA GLY A 289 -5.63 -17.91 -1.23
C GLY A 289 -4.53 -17.06 -0.57
N ALA A 290 -4.33 -15.85 -1.08
CA ALA A 290 -3.34 -14.93 -0.55
C ALA A 290 -3.71 -14.40 0.85
N ASP A 291 -2.66 -14.17 1.64
CA ASP A 291 -2.68 -13.45 2.92
C ASP A 291 -3.05 -11.96 2.72
N HIS A 292 -3.64 -11.34 3.74
CA HIS A 292 -4.13 -9.97 3.64
C HIS A 292 -3.06 -8.94 3.34
N SER A 293 -1.86 -9.15 3.85
CA SER A 293 -0.72 -8.27 3.58
C SER A 293 -0.37 -8.27 2.12
N ASP A 294 -0.34 -9.44 1.50
CA ASP A 294 -0.05 -9.52 0.07
C ASP A 294 -1.18 -8.89 -0.69
N ILE A 295 -2.43 -9.17 -0.28
CA ILE A 295 -3.58 -8.59 -0.93
C ILE A 295 -3.45 -7.08 -0.84
N ALA A 296 -3.14 -6.54 0.32
CA ALA A 296 -3.12 -5.09 0.48
C ALA A 296 -2.07 -4.45 -0.44
N ASP A 297 -0.87 -5.04 -0.45
CA ASP A 297 0.18 -4.58 -1.34
C ASP A 297 -0.26 -4.56 -2.79
N ILE A 298 -0.68 -5.70 -3.29
CA ILE A 298 -0.93 -5.86 -4.70
C ILE A 298 -2.13 -4.98 -5.12
N VAL A 299 -3.19 -4.95 -4.31
CA VAL A 299 -4.32 -4.10 -4.63
C VAL A 299 -3.93 -2.64 -4.65
N HIS A 300 -3.09 -2.23 -3.71
CA HIS A 300 -2.60 -0.85 -3.68
C HIS A 300 -1.90 -0.51 -5.00
N ALA A 301 -0.95 -1.35 -5.39
CA ALA A 301 -0.12 -1.06 -6.60
C ALA A 301 -1.02 -0.93 -7.82
N ILE A 302 -1.84 -1.93 -8.04
CA ILE A 302 -2.62 -1.99 -9.27
C ILE A 302 -3.66 -0.91 -9.30
N SER A 303 -4.29 -0.63 -8.16
CA SER A 303 -5.24 0.44 -8.06
C SER A 303 -4.58 1.75 -8.50
N GLU A 304 -3.34 1.96 -8.08
CA GLU A 304 -2.67 3.21 -8.40
C GLU A 304 -2.30 3.28 -9.89
N PHE A 305 -1.94 2.13 -10.46
CA PHE A 305 -1.65 2.06 -11.89
C PHE A 305 -2.90 2.42 -12.68
N VAL A 306 -4.05 1.91 -12.27
CA VAL A 306 -5.28 2.19 -12.98
C VAL A 306 -5.61 3.66 -12.83
N GLU A 307 -5.56 4.18 -11.59
CA GLU A 307 -5.85 5.61 -11.36
C GLU A 307 -4.91 6.52 -12.16
N ASN A 308 -3.62 6.19 -12.18
CA ASN A 308 -2.65 6.95 -12.95
C ASN A 308 -2.95 6.88 -14.46
N ALA A 309 -3.39 5.74 -14.93
CA ALA A 309 -3.76 5.58 -16.32
C ALA A 309 -4.93 6.49 -16.67
N VAL A 310 -5.92 6.52 -15.80
CA VAL A 310 -7.09 7.35 -16.02
C VAL A 310 -6.79 8.83 -15.99
N GLU A 311 -6.04 9.27 -14.99
CA GLU A 311 -5.84 10.69 -14.77
C GLU A 311 -4.72 11.27 -15.62
N HIS A 312 -3.79 10.43 -16.07
CA HIS A 312 -2.57 10.93 -16.69
C HIS A 312 -2.26 10.57 -18.15
N GLY A 313 -3.07 9.83 -18.93
CA GLY A 313 -4.51 9.96 -19.09
C GLY A 313 -4.81 10.69 -20.41
N TYR A 314 -3.94 10.57 -21.44
CA TYR A 314 -4.04 11.49 -22.63
C TYR A 314 -4.84 11.06 -23.88
N ALA A 315 -5.43 9.86 -23.87
CA ALA A 315 -6.35 9.48 -24.95
C ALA A 315 -7.77 10.00 -24.64
N THR A 316 -8.43 10.56 -25.64
CA THR A 316 -9.81 11.08 -25.49
C THR A 316 -10.82 10.02 -25.89
N ASP A 317 -10.29 8.86 -26.28
CA ASP A 317 -11.09 7.65 -26.41
C ASP A 317 -10.80 6.87 -25.13
N VAL A 318 -11.80 6.80 -24.25
CA VAL A 318 -11.63 6.09 -22.98
C VAL A 318 -12.20 4.68 -23.03
N SER A 319 -12.84 4.34 -24.14
CA SER A 319 -13.51 3.06 -24.29
C SER A 319 -12.52 1.91 -24.35
N LYS A 320 -12.61 0.99 -23.39
CA LYS A 320 -11.69 -0.17 -23.30
C LYS A 320 -10.21 0.24 -23.29
N GLY A 321 -9.92 1.37 -22.68
CA GLY A 321 -8.60 1.94 -22.74
C GLY A 321 -7.65 1.36 -21.71
N ILE A 322 -8.15 0.49 -20.84
CA ILE A 322 -7.34 -0.09 -19.78
C ILE A 322 -7.41 -1.62 -19.76
N VAL A 323 -6.23 -2.26 -19.78
CA VAL A 323 -6.17 -3.70 -19.76
C VAL A 323 -5.41 -4.14 -18.54
N VAL A 324 -6.02 -5.03 -17.75
CA VAL A 324 -5.37 -5.52 -16.54
C VAL A 324 -5.32 -7.01 -16.63
N ALA A 325 -4.19 -7.56 -16.24
CA ALA A 325 -3.94 -8.99 -16.31
C ALA A 325 -3.17 -9.33 -15.06
N ALA A 326 -3.47 -10.47 -14.46
CA ALA A 326 -2.74 -10.93 -13.29
C ALA A 326 -2.85 -12.45 -13.25
N ALA A 327 -1.74 -13.12 -12.94
CA ALA A 327 -1.68 -14.57 -12.88
C ALA A 327 -0.66 -15.01 -11.84
N LEU A 328 -0.94 -16.13 -11.17
CA LEU A 328 0.00 -16.78 -10.25
C LEU A 328 0.66 -17.94 -10.98
N ALA A 329 2.00 -17.95 -10.94
CA ALA A 329 2.82 -19.00 -11.55
C ALA A 329 3.20 -19.99 -10.47
N GLY A 330 3.73 -21.11 -10.91
CA GLY A 330 4.10 -22.15 -10.00
C GLY A 330 5.40 -21.88 -9.29
N ASP A 331 5.96 -20.68 -9.48
CA ASP A 331 7.11 -20.24 -8.68
C ASP A 331 6.66 -19.36 -7.53
N GLY A 332 5.35 -19.26 -7.31
CA GLY A 332 4.83 -18.50 -6.17
C GLY A 332 4.83 -16.97 -6.34
N ASN A 333 5.04 -16.48 -7.56
CA ASN A 333 4.92 -15.05 -7.84
C ASN A 333 3.63 -14.73 -8.57
N VAL A 334 3.02 -13.63 -8.19
CA VAL A 334 1.98 -13.01 -8.96
C VAL A 334 2.67 -12.02 -9.87
N ARG A 335 2.26 -12.01 -11.13
CA ARG A 335 2.73 -11.03 -12.11
C ARG A 335 1.50 -10.34 -12.67
N ALA A 336 1.55 -9.02 -12.73
CA ALA A 336 0.40 -8.28 -13.17
C ALA A 336 0.83 -7.16 -14.09
N SER A 337 -0.07 -6.75 -14.97
CA SER A 337 0.21 -5.62 -15.82
C SER A 337 -1.03 -4.79 -16.04
N VAL A 338 -0.80 -3.50 -16.12
CA VAL A 338 -1.82 -2.54 -16.38
C VAL A 338 -1.35 -1.83 -17.63
N ILE A 339 -2.05 -2.07 -18.75
CA ILE A 339 -1.68 -1.49 -20.04
C ILE A 339 -2.73 -0.48 -20.43
N ASP A 340 -2.32 0.73 -20.76
CA ASP A 340 -3.26 1.76 -21.20
C ASP A 340 -2.79 2.44 -22.49
N ARG A 341 -3.61 3.33 -23.03
CA ARG A 341 -3.31 3.93 -24.35
C ARG A 341 -2.36 5.14 -24.31
N GLY A 342 -1.58 5.25 -23.25
CA GLY A 342 -0.48 6.22 -23.18
C GLY A 342 -0.84 7.37 -22.28
N GLN A 343 0.08 7.71 -21.37
CA GLN A 343 -0.07 8.79 -20.37
C GLN A 343 1.12 9.79 -20.38
N TRP A 344 0.84 11.09 -20.22
CA TRP A 344 1.89 12.13 -20.07
C TRP A 344 2.62 11.98 -18.74
N GLY A 357 4.77 6.19 -10.43
CA GLY A 357 4.31 4.85 -10.05
C GLY A 357 5.42 3.92 -9.59
N LEU A 358 6.66 4.22 -10.01
CA LEU A 358 7.83 3.39 -9.67
C LEU A 358 8.08 3.30 -8.17
N ALA A 359 8.54 4.39 -7.57
CA ALA A 359 8.92 4.43 -6.16
C ALA A 359 7.77 3.97 -5.24
N MET A 360 6.54 4.26 -5.68
CA MET A 360 5.32 3.82 -5.03
C MET A 360 5.29 2.32 -5.00
N ALA A 361 5.31 1.73 -6.19
CA ALA A 361 5.10 0.30 -6.38
C ALA A 361 6.31 -0.50 -5.94
N GLU A 362 7.52 -0.01 -6.26
CA GLU A 362 8.75 -0.70 -5.85
C GLU A 362 8.83 -0.84 -4.33
N ALA A 363 8.23 0.10 -3.61
CA ALA A 363 8.16 0.04 -2.16
C ALA A 363 7.04 -0.86 -1.61
N LEU A 364 6.12 -1.37 -2.45
CA LEU A 364 4.97 -2.19 -2.00
C LEU A 364 5.07 -3.68 -2.33
N VAL A 365 5.72 -3.97 -3.45
CA VAL A 365 5.75 -5.29 -4.00
C VAL A 365 7.18 -5.67 -4.40
N SER A 366 7.44 -6.96 -4.50
CA SER A 366 8.81 -7.42 -4.77
C SER A 366 9.47 -6.66 -5.92
N GLU A 367 8.72 -6.35 -7.00
CA GLU A 367 9.29 -5.67 -8.19
C GLU A 367 8.24 -4.97 -9.04
N ALA A 368 8.56 -3.79 -9.53
CA ALA A 368 7.66 -3.03 -10.37
C ALA A 368 8.43 -2.39 -11.52
N ARG A 369 7.73 -2.13 -12.63
CA ARG A 369 8.34 -1.57 -13.83
C ARG A 369 7.31 -0.76 -14.60
N ILE A 370 7.76 0.28 -15.28
CA ILE A 370 6.90 1.08 -16.13
C ILE A 370 7.60 1.15 -17.48
N MET A 371 6.84 0.94 -18.57
CA MET A 371 7.33 1.10 -19.93
C MET A 371 6.41 2.08 -20.69
N HIS A 372 6.98 2.88 -21.56
CA HIS A 372 6.22 3.85 -22.34
C HIS A 372 6.55 3.63 -23.81
N GLY A 373 5.54 3.84 -24.66
CA GLY A 373 5.70 3.86 -26.11
C GLY A 373 4.73 4.88 -26.63
N ALA A 374 4.73 5.13 -27.93
CA ALA A 374 3.72 5.98 -28.55
C ALA A 374 2.41 5.24 -28.37
N GLY A 375 1.33 5.95 -28.06
CA GLY A 375 0.03 5.29 -27.88
C GLY A 375 -0.06 4.27 -26.74
N GLY A 376 0.88 4.28 -25.78
CA GLY A 376 0.75 3.41 -24.63
C GLY A 376 1.73 3.47 -23.48
N THR A 377 1.24 3.04 -22.33
CA THR A 377 2.01 2.80 -21.11
C THR A 377 1.65 1.43 -20.56
N THR A 378 2.68 0.68 -20.16
CA THR A 378 2.52 -0.58 -19.39
C THR A 378 3.20 -0.47 -18.03
N ALA A 379 2.46 -0.78 -16.98
CA ALA A 379 2.97 -0.82 -15.61
C ALA A 379 2.88 -2.26 -15.16
N THR A 380 3.95 -2.83 -14.65
CA THR A 380 3.94 -4.23 -14.25
C THR A 380 4.35 -4.40 -12.81
N LEU A 381 3.97 -5.52 -12.23
CA LEU A 381 4.48 -5.90 -10.93
C LEU A 381 4.69 -7.37 -10.80
N THR A 382 5.71 -7.74 -10.02
CA THR A 382 5.91 -9.11 -9.64
C THR A 382 6.02 -9.12 -8.13
N HIS A 383 5.14 -9.87 -7.48
CA HIS A 383 5.12 -9.99 -6.02
C HIS A 383 5.08 -11.46 -5.58
N ARG A 384 6.08 -11.88 -4.80
CA ARG A 384 6.10 -13.22 -4.22
C ARG A 384 5.04 -13.35 -3.13
N LEU A 385 4.17 -14.36 -3.21
CA LEU A 385 3.17 -14.61 -2.16
C LEU A 385 3.78 -15.46 -1.02
N SER A 386 3.34 -15.21 0.21
CA SER A 386 3.71 -16.06 1.32
C SER A 386 2.57 -16.07 2.32
N ARG A 387 2.42 -17.16 3.09
CA ARG A 387 1.55 -17.20 4.28
C ARG A 387 2.40 -17.62 5.43
N PRO A 388 2.26 -16.96 6.57
CA PRO A 388 3.11 -17.35 7.68
C PRO A 388 2.80 -18.74 8.21
N ALA A 389 3.84 -19.38 8.71
CA ALA A 389 3.70 -20.61 9.44
C ALA A 389 3.11 -20.22 10.78
N ARG A 390 2.39 -21.14 11.41
CA ARG A 390 1.93 -20.94 12.80
C ARG A 390 2.94 -21.50 13.81
N PHE A 391 3.50 -20.64 14.65
CA PHE A 391 4.36 -21.07 15.74
C PHE A 391 3.59 -21.03 17.05
N VAL A 392 3.38 -22.20 17.65
CA VAL A 392 2.57 -22.35 18.86
C VAL A 392 3.42 -22.59 20.12
N THR A 393 2.91 -22.12 21.26
CA THR A 393 3.39 -22.53 22.59
C THR A 393 2.20 -22.71 23.56
N ASP A 394 1.75 -23.96 23.71
CA ASP A 394 0.60 -24.35 24.56
C ASP A 394 0.86 -25.74 25.20
N THR A 395 0.60 -25.88 26.49
CA THR A 395 0.73 -27.16 27.25
C THR A 395 2.16 -27.76 27.27
N MET A 396 3.07 -27.02 27.91
CA MET A 396 4.45 -27.46 28.20
C MET A 396 5.30 -27.65 26.94
N VAL B 28 4.76 20.06 -7.57
CA VAL B 28 4.09 21.16 -6.82
C VAL B 28 2.63 20.79 -6.56
N SER B 29 2.05 21.38 -5.51
CA SER B 29 0.79 20.85 -4.95
C SER B 29 0.10 21.78 -3.96
N VAL B 30 -1.07 21.33 -3.53
CA VAL B 30 -2.01 22.12 -2.78
C VAL B 30 -2.46 21.26 -1.60
N PRO B 31 -2.66 21.85 -0.41
CA PRO B 31 -3.06 21.05 0.75
C PRO B 31 -4.55 20.80 0.82
N VAL B 32 -4.93 19.98 1.79
CA VAL B 32 -6.31 19.61 2.02
C VAL B 32 -6.60 19.85 3.49
N VAL B 33 -7.72 20.49 3.75
CA VAL B 33 -7.93 21.15 5.01
C VAL B 33 -9.46 21.15 5.25
N PRO B 34 -9.90 21.06 6.51
CA PRO B 34 -11.33 20.92 6.76
C PRO B 34 -12.21 22.07 6.29
N GLY B 35 -11.71 23.31 6.32
CA GLY B 35 -12.57 24.49 6.16
C GLY B 35 -12.45 25.24 4.85
N ALA B 36 -11.68 24.72 3.91
CA ALA B 36 -11.56 25.29 2.57
C ALA B 36 -11.17 24.21 1.58
N ASP B 37 -11.65 24.32 0.35
CA ASP B 37 -11.20 23.47 -0.77
C ASP B 37 -10.31 24.36 -1.63
N ILE B 38 -9.24 23.80 -2.16
CA ILE B 38 -8.21 24.58 -2.83
C ILE B 38 -7.85 23.88 -4.13
N ALA B 39 -7.67 24.65 -5.21
CA ALA B 39 -7.24 24.10 -6.50
C ALA B 39 -6.29 25.04 -7.20
N ALA B 40 -5.41 24.50 -8.04
CA ALA B 40 -4.40 25.33 -8.72
C ALA B 40 -4.07 24.81 -10.10
N GLU B 41 -4.09 25.72 -11.06
CA GLU B 41 -3.64 25.45 -12.41
C GLU B 41 -2.64 26.50 -12.80
N TYR B 42 -1.65 26.09 -13.56
CA TYR B 42 -0.71 27.05 -14.08
C TYR B 42 -0.28 26.60 -15.46
N LEU B 43 0.26 27.57 -16.21
CA LEU B 43 0.88 27.31 -17.48
C LEU B 43 2.22 28.04 -17.48
N VAL B 44 3.16 27.53 -18.27
CA VAL B 44 4.48 28.12 -18.42
C VAL B 44 4.68 28.56 -19.88
N ALA B 45 5.31 29.72 -20.07
CA ALA B 45 5.45 30.34 -21.39
C ALA B 45 6.68 29.84 -22.12
N ALA B 46 7.80 29.72 -21.43
CA ALA B 46 8.98 29.08 -22.01
C ALA B 46 8.69 27.60 -22.10
N GLU B 47 9.01 27.00 -23.25
CA GLU B 47 8.57 25.63 -23.52
C GLU B 47 9.66 24.62 -23.16
N ASP B 48 9.23 23.49 -22.62
CA ASP B 48 10.09 22.52 -21.93
C ASP B 48 10.78 23.14 -20.70
N THR B 49 9.96 23.49 -19.70
CA THR B 49 10.45 23.94 -18.39
C THR B 49 9.34 23.68 -17.38
N ALA B 50 9.70 23.36 -16.15
CA ALA B 50 8.69 23.12 -15.10
C ALA B 50 8.18 24.44 -14.53
N ALA B 51 9.08 25.44 -14.43
CA ALA B 51 8.72 26.73 -13.85
C ALA B 51 9.24 27.91 -14.68
N GLY B 52 8.59 29.05 -14.47
CA GLY B 52 9.02 30.33 -15.00
C GLY B 52 8.92 31.34 -13.87
N GLY B 53 8.44 32.54 -14.18
CA GLY B 53 8.47 33.64 -13.24
C GLY B 53 7.40 33.67 -12.17
N ASP B 54 6.37 32.84 -12.29
CA ASP B 54 5.38 32.80 -11.23
C ASP B 54 5.24 31.50 -10.43
N TRP B 55 4.60 31.66 -9.29
CA TRP B 55 4.38 30.58 -8.35
C TRP B 55 3.13 30.83 -7.57
N PHE B 56 2.53 29.76 -7.08
CA PHE B 56 1.47 29.85 -6.09
C PHE B 56 1.95 29.09 -4.88
N ASP B 57 1.23 29.25 -3.79
CA ASP B 57 1.53 28.52 -2.58
C ASP B 57 0.27 28.55 -1.73
N ALA B 58 0.09 27.49 -0.97
CA ALA B 58 -1.08 27.32 -0.13
C ALA B 58 -0.58 26.63 1.12
N LEU B 59 -0.50 27.38 2.23
CA LEU B 59 0.01 26.89 3.51
C LEU B 59 -1.11 26.73 4.54
N ALA B 60 -1.25 25.50 5.02
CA ALA B 60 -2.19 25.08 6.05
C ALA B 60 -1.54 25.19 7.42
N LEU B 61 -1.97 26.13 8.26
CA LEU B 61 -1.23 26.45 9.49
C LEU B 61 -2.09 26.36 10.74
N GLY B 62 -3.03 25.42 10.76
CA GLY B 62 -3.80 25.14 11.94
C GLY B 62 -5.04 25.98 11.96
N ASP B 63 -4.89 27.23 12.33
CA ASP B 63 -6.05 28.10 12.52
C ASP B 63 -6.27 29.00 11.30
N ARG B 64 -5.36 28.91 10.33
CA ARG B 64 -5.49 29.70 9.09
C ARG B 64 -4.85 29.01 7.90
N LEU B 65 -5.28 29.47 6.73
CA LEU B 65 -4.82 29.03 5.43
C LEU B 65 -4.28 30.25 4.68
N VAL B 66 -2.97 30.27 4.44
CA VAL B 66 -2.38 31.39 3.74
C VAL B 66 -2.22 31.00 2.27
N LEU B 67 -2.71 31.88 1.40
CA LEU B 67 -2.65 31.67 -0.03
C LEU B 67 -1.70 32.69 -0.65
N VAL B 68 -0.89 32.26 -1.61
CA VAL B 68 0.04 33.17 -2.30
C VAL B 68 0.07 32.92 -3.80
N VAL B 69 0.02 34.00 -4.58
CA VAL B 69 0.45 33.97 -5.97
C VAL B 69 1.49 35.06 -6.18
N GLY B 70 2.51 34.77 -6.97
CA GLY B 70 3.58 35.74 -7.26
C GLY B 70 3.86 35.88 -8.74
N ASP B 71 4.55 36.94 -9.14
CA ASP B 71 5.00 37.12 -10.53
C ASP B 71 6.32 37.90 -10.49
N VAL B 72 7.38 37.32 -11.05
CA VAL B 72 8.70 37.94 -11.02
C VAL B 72 8.97 38.51 -12.41
N VAL B 73 9.67 39.64 -12.49
CA VAL B 73 9.95 40.27 -13.78
C VAL B 73 10.86 39.41 -14.63
N GLY B 74 10.41 39.08 -15.84
CA GLY B 74 11.22 38.36 -16.84
C GLY B 74 11.89 37.12 -16.27
N HIS B 75 12.67 36.39 -17.07
CA HIS B 75 12.49 36.32 -18.52
C HIS B 75 12.86 34.90 -18.98
N GLY B 76 12.52 33.91 -18.14
CA GLY B 76 12.79 32.50 -18.44
C GLY B 76 13.20 31.67 -17.23
N VAL B 77 14.42 31.13 -17.30
CA VAL B 77 15.00 30.26 -16.26
C VAL B 77 15.69 31.06 -15.15
N GLU B 78 16.26 32.20 -15.53
CA GLU B 78 16.84 33.13 -14.56
C GLU B 78 15.73 33.62 -13.64
N ALA B 79 14.55 33.86 -14.22
CA ALA B 79 13.35 34.25 -13.49
C ALA B 79 12.96 33.20 -12.45
N ALA B 80 13.07 31.93 -12.83
CA ALA B 80 12.74 30.83 -11.93
C ALA B 80 13.65 30.77 -10.71
N ALA B 81 14.94 31.05 -10.90
CA ALA B 81 15.88 31.09 -9.79
C ALA B 81 15.49 32.16 -8.75
N VAL B 82 15.02 33.30 -9.22
CA VAL B 82 14.55 34.36 -8.34
C VAL B 82 13.25 33.92 -7.63
N MET B 83 12.27 33.50 -8.43
CA MET B 83 11.01 33.01 -7.91
C MET B 83 11.20 32.02 -6.75
N SER B 84 12.11 31.08 -6.97
CA SER B 84 12.39 30.02 -6.02
C SER B 84 12.85 30.54 -4.66
N GLN B 85 13.78 31.48 -4.67
CA GLN B 85 14.23 32.12 -3.41
C GLN B 85 13.12 32.95 -2.74
N LEU B 86 12.24 33.56 -3.52
CA LEU B 86 11.16 34.36 -2.93
C LEU B 86 10.01 33.51 -2.39
N ARG B 87 9.69 32.42 -3.10
CA ARG B 87 8.72 31.44 -2.63
C ARG B 87 9.17 30.86 -1.29
N THR B 88 10.46 30.55 -1.16
CA THR B 88 11.00 30.09 0.12
C THR B 88 11.00 31.21 1.13
N ALA B 89 11.46 32.39 0.73
CA ALA B 89 11.49 33.51 1.67
C ALA B 89 10.10 33.69 2.31
N LEU B 90 9.11 33.98 1.48
CA LEU B 90 7.76 34.26 1.94
C LEU B 90 7.15 33.13 2.73
N ARG B 91 7.31 31.91 2.24
CA ARG B 91 6.71 30.79 2.98
C ARG B 91 7.40 30.52 4.31
N MET B 92 8.71 30.70 4.41
CA MET B 92 9.35 30.46 5.72
C MET B 92 8.77 31.36 6.79
N GLN B 93 8.55 32.63 6.46
CA GLN B 93 8.08 33.59 7.45
C GLN B 93 6.58 33.46 7.76
N ILE B 94 5.77 33.15 6.76
CA ILE B 94 4.34 32.94 7.01
C ILE B 94 4.21 31.71 7.92
N SER B 95 4.89 30.64 7.54
CA SER B 95 4.85 29.40 8.32
C SER B 95 5.42 29.57 9.72
N ALA B 96 6.34 30.52 9.91
CA ALA B 96 6.89 30.80 11.25
C ALA B 96 5.86 31.43 12.19
N GLY B 97 4.73 31.90 11.63
CA GLY B 97 3.62 32.47 12.40
C GLY B 97 3.54 34.00 12.38
N TYR B 98 4.21 34.64 11.43
CA TYR B 98 4.18 36.10 11.29
C TYR B 98 2.97 36.48 10.46
N THR B 99 2.46 37.69 10.62
CA THR B 99 1.26 38.10 9.87
C THR B 99 1.62 38.25 8.41
N VAL B 100 0.63 38.57 7.59
CA VAL B 100 0.84 38.82 6.17
C VAL B 100 1.68 40.05 5.93
N VAL B 101 1.56 41.06 6.78
CA VAL B 101 2.40 42.27 6.69
C VAL B 101 3.83 41.97 7.18
N GLU B 102 3.95 41.39 8.37
CA GLU B 102 5.27 41.01 8.92
C GLU B 102 6.02 40.13 7.94
N ALA B 103 5.31 39.22 7.29
CA ALA B 103 5.93 38.31 6.33
C ALA B 103 6.54 39.10 5.19
N LEU B 104 5.70 39.86 4.51
CA LEU B 104 6.08 40.63 3.35
C LEU B 104 7.19 41.65 3.62
N GLU B 105 7.26 42.18 4.83
CA GLU B 105 8.31 43.11 5.21
C GLU B 105 9.66 42.41 5.23
N ALA B 106 9.71 41.24 5.89
CA ALA B 106 10.94 40.45 5.98
C ALA B 106 11.44 40.06 4.61
N VAL B 107 10.51 39.63 3.77
CA VAL B 107 10.78 39.31 2.38
C VAL B 107 11.29 40.52 1.59
N ASP B 108 10.68 41.68 1.80
CA ASP B 108 11.12 42.91 1.15
C ASP B 108 12.51 43.30 1.67
N ARG B 109 12.79 42.95 2.92
CA ARG B 109 14.09 43.18 3.56
C ARG B 109 15.11 42.26 2.90
N PHE B 110 14.74 41.00 2.78
CA PHE B 110 15.59 39.97 2.19
C PHE B 110 15.86 40.20 0.71
N HIS B 111 14.90 40.79 -0.01
CA HIS B 111 15.00 40.92 -1.46
C HIS B 111 16.19 41.77 -1.87
N LYS B 112 16.68 42.59 -0.94
CA LYS B 112 17.88 43.38 -1.14
C LYS B 112 19.11 42.54 -1.48
N GLN B 113 19.13 41.26 -1.11
CA GLN B 113 20.27 40.38 -1.44
C GLN B 113 19.92 39.21 -2.39
N VAL B 114 18.78 39.29 -3.07
CA VAL B 114 18.45 38.37 -4.17
C VAL B 114 18.32 39.21 -5.44
N PRO B 115 19.36 39.16 -6.29
CA PRO B 115 19.28 40.03 -7.47
C PRO B 115 18.27 39.49 -8.48
N GLY B 116 17.43 40.38 -9.05
CA GLY B 116 16.38 39.99 -10.00
C GLY B 116 14.96 39.98 -9.43
N SER B 117 14.82 40.41 -8.16
CA SER B 117 13.53 40.44 -7.46
C SER B 117 12.82 41.78 -7.55
N LYS B 118 13.59 42.87 -7.65
CA LYS B 118 13.03 44.21 -7.79
C LYS B 118 11.77 44.18 -8.65
N SER B 119 10.67 44.64 -8.08
CA SER B 119 9.37 44.74 -8.75
C SER B 119 8.61 43.41 -8.90
N ALA B 120 9.07 42.35 -8.24
CA ALA B 120 8.26 41.14 -8.18
C ALA B 120 6.97 41.55 -7.49
N THR B 121 5.85 41.17 -8.09
CA THR B 121 4.54 41.42 -7.53
C THR B 121 4.03 40.14 -6.85
N MET B 122 3.31 40.32 -5.75
CA MET B 122 2.66 39.22 -5.04
C MET B 122 1.27 39.62 -4.63
N CYS B 123 0.42 38.62 -4.46
CA CYS B 123 -0.84 38.76 -3.77
C CYS B 123 -0.86 37.65 -2.70
N VAL B 124 -1.08 38.05 -1.46
CA VAL B 124 -1.03 37.14 -0.33
C VAL B 124 -2.25 37.34 0.55
N GLY B 125 -2.88 36.24 0.94
CA GLY B 125 -4.03 36.28 1.84
C GLY B 125 -4.06 35.17 2.86
N SER B 126 -4.81 35.41 3.94
CA SER B 126 -4.89 34.52 5.08
C SER B 126 -6.35 34.44 5.52
N LEU B 127 -6.88 33.22 5.52
CA LEU B 127 -8.24 32.95 5.97
C LEU B 127 -8.23 32.45 7.40
N ASP B 128 -8.98 33.10 8.29
CA ASP B 128 -9.21 32.58 9.64
C ASP B 128 -10.33 31.55 9.52
N PHE B 129 -10.03 30.29 9.85
CA PHE B 129 -11.03 29.23 9.68
C PHE B 129 -12.28 29.50 10.51
N THR B 130 -12.11 30.07 11.71
CA THR B 130 -13.25 30.31 12.59
C THR B 130 -14.18 31.38 12.03
N SER B 131 -13.62 32.55 11.72
CA SER B 131 -14.46 33.70 11.41
C SER B 131 -14.67 33.89 9.91
N GLY B 132 -13.84 33.26 9.10
CA GLY B 132 -13.91 33.48 7.66
C GLY B 132 -13.27 34.80 7.26
N GLU B 133 -12.55 35.43 8.19
CA GLU B 133 -11.90 36.70 7.92
C GLU B 133 -10.68 36.45 7.07
N PHE B 134 -10.74 36.99 5.86
CA PHE B 134 -9.72 36.80 4.86
C PHE B 134 -9.01 38.14 4.66
N GLN B 135 -7.85 38.27 5.30
CA GLN B 135 -7.02 39.44 5.19
C GLN B 135 -6.04 39.20 4.06
N TYR B 136 -5.80 40.23 3.27
CA TYR B 136 -5.02 40.10 2.05
C TYR B 136 -4.24 41.38 1.70
N CYS B 137 -3.18 41.19 0.91
CA CYS B 137 -2.38 42.30 0.40
C CYS B 137 -2.11 42.10 -1.09
N THR B 138 -2.41 43.12 -1.88
CA THR B 138 -2.04 43.17 -3.30
C THR B 138 -0.77 44.01 -3.47
N ALA B 139 0.39 43.36 -3.49
CA ALA B 139 1.66 44.06 -3.67
C ALA B 139 1.94 44.23 -5.16
N GLY B 140 1.51 45.34 -5.74
CA GLY B 140 1.68 45.60 -7.17
C GLY B 140 0.98 44.62 -8.09
N HIS B 141 0.03 43.89 -7.53
CA HIS B 141 -0.48 42.68 -8.16
C HIS B 141 -1.97 42.82 -8.41
N PRO B 142 -2.47 42.29 -9.54
CA PRO B 142 -3.91 42.39 -9.83
C PRO B 142 -4.80 41.78 -8.72
N PRO B 143 -5.94 42.41 -8.42
CA PRO B 143 -6.75 41.97 -7.28
C PRO B 143 -7.49 40.65 -7.53
N PRO B 144 -7.59 39.83 -6.49
CA PRO B 144 -8.31 38.56 -6.60
C PRO B 144 -9.81 38.69 -6.90
N LEU B 145 -10.31 37.72 -7.67
CA LEU B 145 -11.73 37.68 -7.97
C LEU B 145 -12.44 36.91 -6.88
N LEU B 146 -13.56 37.45 -6.40
CA LEU B 146 -14.35 36.87 -5.35
C LEU B 146 -15.70 36.40 -5.91
N VAL B 147 -15.92 35.08 -5.88
CA VAL B 147 -17.18 34.51 -6.40
C VAL B 147 -17.99 33.95 -5.24
N THR B 148 -19.14 34.54 -4.99
CA THR B 148 -19.95 34.19 -3.82
C THR B 148 -20.72 32.89 -4.02
N ALA B 149 -21.04 32.23 -2.89
CA ALA B 149 -21.95 31.08 -2.86
C ALA B 149 -23.17 31.28 -3.74
N ASP B 150 -23.78 32.48 -3.75
CA ASP B 150 -24.94 32.74 -4.61
C ASP B 150 -24.55 33.21 -6.05
N ALA B 151 -23.33 32.86 -6.46
CA ALA B 151 -22.83 32.99 -7.86
C ALA B 151 -22.72 34.43 -8.35
N SER B 152 -22.26 35.31 -7.48
CA SER B 152 -21.97 36.68 -7.88
C SER B 152 -20.47 36.91 -7.75
N ALA B 153 -19.85 37.35 -8.85
CA ALA B 153 -18.41 37.58 -8.91
C ALA B 153 -18.07 39.08 -8.86
N ARG B 154 -17.05 39.43 -8.08
CA ARG B 154 -16.48 40.79 -8.09
C ARG B 154 -15.01 40.83 -7.66
N TYR B 155 -14.25 41.73 -8.27
CA TYR B 155 -12.84 41.91 -7.92
C TYR B 155 -12.75 42.69 -6.62
N VAL B 156 -11.93 42.20 -5.70
CA VAL B 156 -11.72 42.90 -4.44
C VAL B 156 -10.93 44.13 -4.78
N GLU B 157 -10.86 45.07 -3.84
CA GLU B 157 -10.11 46.30 -4.06
C GLU B 157 -8.63 46.06 -3.97
N PRO B 158 -7.83 46.76 -4.78
CA PRO B 158 -6.38 46.76 -4.54
C PRO B 158 -6.09 47.37 -3.18
N THR B 159 -5.13 46.83 -2.46
CA THR B 159 -4.88 47.29 -1.11
C THR B 159 -4.11 48.61 -1.09
N GLY B 160 -3.55 49.00 -2.24
CA GLY B 160 -2.72 50.18 -2.36
C GLY B 160 -1.24 49.84 -2.34
N ALA B 161 -0.93 48.58 -1.99
CA ALA B 161 0.45 48.12 -1.86
C ALA B 161 1.11 48.01 -3.24
N GLY B 162 2.40 48.30 -3.27
CA GLY B 162 3.19 48.21 -4.50
C GLY B 162 4.07 46.99 -4.47
N PRO B 163 4.90 46.81 -5.52
CA PRO B 163 5.80 45.66 -5.61
C PRO B 163 7.01 45.74 -4.68
N LEU B 164 7.81 44.68 -4.66
CA LEU B 164 9.10 44.65 -3.94
C LEU B 164 10.04 45.68 -4.52
N GLY B 165 10.86 46.29 -3.66
CA GLY B 165 11.82 47.31 -4.09
C GLY B 165 11.25 48.73 -4.08
N SER B 166 9.93 48.86 -4.21
CA SER B 166 9.28 50.12 -3.87
C SER B 166 9.40 50.23 -2.36
N GLY B 167 9.08 51.40 -1.80
CA GLY B 167 9.04 51.59 -0.35
C GLY B 167 7.62 51.95 0.07
N THR B 168 6.67 51.34 -0.63
CA THR B 168 5.25 51.66 -0.47
C THR B 168 4.68 51.05 0.82
N GLY B 169 5.36 50.05 1.36
CA GLY B 169 4.85 49.36 2.54
C GLY B 169 3.85 48.31 2.09
N PHE B 170 3.10 47.76 3.05
CA PHE B 170 2.16 46.67 2.76
C PHE B 170 0.85 46.82 3.52
N PRO B 171 0.02 47.78 3.09
CA PRO B 171 -1.33 47.92 3.64
C PRO B 171 -2.20 46.75 3.22
N VAL B 172 -3.06 46.32 4.14
CA VAL B 172 -3.90 45.15 3.94
C VAL B 172 -5.37 45.51 4.03
N ARG B 173 -6.20 44.72 3.36
CA ARG B 173 -7.65 44.81 3.51
C ARG B 173 -8.19 43.47 3.95
N SER B 174 -9.44 43.47 4.37
CA SER B 174 -10.13 42.24 4.76
C SER B 174 -11.49 42.09 4.08
N GLU B 175 -11.85 40.84 3.81
CA GLU B 175 -13.21 40.49 3.42
C GLU B 175 -13.56 39.31 4.28
N VAL B 176 -14.85 39.16 4.57
CA VAL B 176 -15.34 37.96 5.21
C VAL B 176 -15.89 37.06 4.12
N LEU B 177 -15.39 35.82 4.09
CA LEU B 177 -15.92 34.77 3.24
C LEU B 177 -16.90 33.89 4.02
N ASN B 178 -18.13 33.81 3.52
CA ASN B 178 -19.14 32.93 4.11
C ASN B 178 -18.94 31.49 3.60
N ILE B 179 -19.57 30.51 4.23
CA ILE B 179 -19.48 29.15 3.74
C ILE B 179 -19.92 29.09 2.30
N GLY B 180 -19.10 28.50 1.43
CA GLY B 180 -19.43 28.44 0.01
C GLY B 180 -18.92 29.61 -0.82
N ASP B 181 -18.41 30.65 -0.16
CA ASP B 181 -17.74 31.74 -0.90
C ASP B 181 -16.39 31.29 -1.41
N ALA B 182 -16.00 31.79 -2.57
CA ALA B 182 -14.70 31.46 -3.17
C ALA B 182 -13.91 32.70 -3.58
N ILE B 183 -12.59 32.58 -3.48
CA ILE B 183 -11.70 33.65 -3.85
C ILE B 183 -10.65 33.12 -4.82
N LEU B 184 -10.37 33.89 -5.87
CA LEU B 184 -9.47 33.45 -6.93
C LEU B 184 -8.29 34.38 -7.02
N PHE B 185 -7.09 33.83 -6.82
CA PHE B 185 -5.83 34.51 -7.04
C PHE B 185 -5.36 34.14 -8.42
N TYR B 186 -4.62 35.04 -9.04
CA TYR B 186 -4.12 34.83 -10.39
C TYR B 186 -3.01 35.81 -10.73
N THR B 187 -2.26 35.49 -11.78
CA THR B 187 -1.26 36.39 -12.33
C THR B 187 -1.80 36.99 -13.62
N ASP B 188 -1.23 38.12 -14.02
CA ASP B 188 -1.73 38.92 -15.14
C ASP B 188 -1.82 38.12 -16.44
N GLY B 189 -1.08 37.02 -16.52
CA GLY B 189 -1.14 36.14 -17.68
C GLY B 189 -2.54 35.67 -18.04
N LEU B 190 -3.36 35.43 -17.03
CA LEU B 190 -4.74 35.01 -17.24
C LEU B 190 -5.58 36.06 -17.97
N ILE B 191 -5.37 37.33 -17.65
CA ILE B 191 -6.18 38.43 -18.19
C ILE B 191 -5.53 39.22 -19.34
N GLU B 192 -4.21 39.10 -19.52
CA GLU B 192 -3.49 39.73 -20.64
C GLU B 192 -3.32 38.72 -21.79
N ARG B 193 -4.42 38.48 -22.51
CA ARG B 193 -4.46 37.46 -23.56
C ARG B 193 -4.23 38.02 -24.97
N PRO B 194 -3.64 37.19 -25.87
CA PRO B 194 -3.40 37.53 -27.28
C PRO B 194 -4.64 38.00 -28.05
N GLY B 195 -4.54 39.15 -28.70
CA GLY B 195 -5.62 39.70 -29.51
C GLY B 195 -6.95 39.90 -28.78
N ARG B 196 -6.89 40.28 -27.50
CA ARG B 196 -8.08 40.73 -26.78
C ARG B 196 -7.66 41.75 -25.69
N PRO B 197 -8.32 42.92 -25.67
CA PRO B 197 -7.96 44.02 -24.77
C PRO B 197 -8.30 43.73 -23.30
N LEU B 198 -7.43 44.20 -22.40
CA LEU B 198 -7.56 43.98 -20.95
C LEU B 198 -8.98 44.18 -20.40
N GLU B 199 -9.62 45.28 -20.80
CA GLU B 199 -10.97 45.60 -20.32
C GLU B 199 -11.93 44.43 -20.60
N ALA B 200 -11.89 43.93 -21.84
CA ALA B 200 -12.69 42.77 -22.25
C ALA B 200 -12.49 41.53 -21.36
N SER B 201 -11.23 41.14 -21.16
CA SER B 201 -10.90 39.92 -20.40
C SER B 201 -11.34 40.01 -18.93
N THR B 202 -11.11 41.17 -18.34
CA THR B 202 -11.53 41.46 -16.98
C THR B 202 -13.05 41.31 -16.81
N ALA B 203 -13.80 41.86 -17.74
CA ALA B 203 -15.26 41.73 -17.75
C ALA B 203 -15.68 40.26 -17.88
N GLU B 204 -14.97 39.52 -18.73
CA GLU B 204 -15.34 38.14 -19.05
C GLU B 204 -15.03 37.18 -17.93
N PHE B 205 -13.78 37.20 -17.49
CA PHE B 205 -13.29 36.35 -16.43
C PHE B 205 -14.30 36.28 -15.28
N ALA B 206 -14.83 37.43 -14.91
CA ALA B 206 -15.93 37.53 -13.94
C ALA B 206 -17.17 36.77 -14.42
N ASP B 207 -17.69 37.17 -15.58
CA ASP B 207 -18.92 36.59 -16.12
C ASP B 207 -18.86 35.06 -16.18
N LEU B 208 -17.71 34.54 -16.61
CA LEU B 208 -17.53 33.10 -16.76
C LEU B 208 -17.45 32.42 -15.39
N ALA B 209 -16.84 33.10 -14.41
CA ALA B 209 -16.80 32.56 -13.06
C ALA B 209 -18.23 32.46 -12.52
N ALA B 210 -19.01 33.51 -12.74
CA ALA B 210 -20.40 33.55 -12.31
C ALA B 210 -21.21 32.46 -13.00
N SER B 211 -21.00 32.31 -14.30
CA SER B 211 -21.70 31.28 -15.07
C SER B 211 -21.37 29.88 -14.58
N ILE B 212 -20.07 29.60 -14.43
CA ILE B 212 -19.57 28.28 -14.06
C ILE B 212 -20.03 27.84 -12.66
N ALA B 213 -20.13 28.81 -11.75
CA ALA B 213 -20.63 28.52 -10.40
C ALA B 213 -22.13 28.13 -10.38
N SER B 214 -22.75 28.03 -11.55
CA SER B 214 -24.06 27.38 -11.70
C SER B 214 -24.21 26.72 -13.09
N GLY B 215 -24.30 27.55 -14.12
CA GLY B 215 -24.47 27.11 -15.51
C GLY B 215 -23.74 25.84 -15.92
N ALA B 225 -15.99 16.40 -9.97
CA ALA B 225 -14.92 17.12 -9.26
C ALA B 225 -15.44 17.69 -7.93
N ARG B 226 -14.61 18.50 -7.24
CA ARG B 226 -15.13 19.42 -6.20
C ARG B 226 -15.57 20.72 -6.87
N PRO B 227 -16.52 21.44 -6.26
CA PRO B 227 -16.97 22.68 -6.89
C PRO B 227 -15.81 23.61 -7.29
N ILE B 228 -14.78 23.74 -6.44
CA ILE B 228 -13.66 24.60 -6.73
C ILE B 228 -12.78 24.10 -7.91
N ASP B 229 -12.66 22.79 -8.10
CA ASP B 229 -11.84 22.26 -9.20
C ASP B 229 -12.44 22.66 -10.55
N ARG B 230 -13.76 22.47 -10.64
CA ARG B 230 -14.54 22.80 -11.81
C ARG B 230 -14.41 24.30 -12.12
N LEU B 231 -14.52 25.13 -11.09
CA LEU B 231 -14.39 26.57 -11.24
C LEU B 231 -12.99 26.93 -11.71
N CYS B 232 -11.98 26.34 -11.09
CA CYS B 232 -10.61 26.65 -11.41
C CYS B 232 -10.27 26.22 -12.82
N SER B 233 -10.28 24.91 -13.07
CA SER B 233 -9.82 24.40 -14.36
C SER B 233 -10.63 24.90 -15.56
N ASP B 234 -11.97 24.90 -15.46
CA ASP B 234 -12.81 25.33 -16.58
C ASP B 234 -12.58 26.81 -16.92
N THR B 235 -12.70 27.68 -15.93
CA THR B 235 -12.51 29.10 -16.15
C THR B 235 -11.29 29.34 -17.01
N LEU B 236 -10.14 28.84 -16.53
CA LEU B 236 -8.88 28.97 -17.25
C LEU B 236 -8.97 28.34 -18.65
N GLU B 237 -9.44 27.09 -18.71
CA GLU B 237 -9.57 26.38 -19.99
C GLU B 237 -10.45 27.14 -21.00
N LEU B 238 -11.64 27.58 -20.59
CA LEU B 238 -12.56 28.30 -21.48
C LEU B 238 -12.12 29.73 -21.84
N LEU B 239 -11.24 30.33 -21.04
CA LEU B 239 -10.65 31.63 -21.40
C LEU B 239 -9.59 31.46 -22.47
N LEU B 240 -8.72 30.49 -22.31
CA LEU B 240 -7.49 30.41 -23.09
C LEU B 240 -7.56 29.48 -24.32
N ARG B 241 -8.54 28.58 -24.38
CA ARG B 241 -8.52 27.53 -25.40
C ARG B 241 -8.65 28.08 -26.81
N SER B 242 -9.33 29.21 -26.95
CA SER B 242 -9.51 29.86 -28.25
C SER B 242 -8.44 30.93 -28.53
N THR B 243 -8.04 31.67 -27.50
CA THR B 243 -7.07 32.77 -27.65
C THR B 243 -5.63 32.28 -27.47
N GLY B 244 -5.42 31.40 -26.48
CA GLY B 244 -4.07 30.94 -26.13
C GLY B 244 -3.43 31.91 -25.15
N TYR B 245 -2.13 31.75 -24.92
CA TYR B 245 -1.42 32.56 -23.92
C TYR B 245 -0.01 32.97 -24.34
N ASN B 246 0.54 33.96 -23.65
CA ASN B 246 1.88 34.52 -23.94
C ASN B 246 2.76 34.82 -22.72
N ASP B 247 2.19 34.76 -21.51
CA ASP B 247 2.92 34.96 -20.25
C ASP B 247 2.69 33.70 -19.40
N ASP B 248 3.50 33.51 -18.37
CA ASP B 248 3.21 32.50 -17.38
C ASP B 248 1.79 32.78 -16.88
N VAL B 249 1.04 31.73 -16.55
CA VAL B 249 -0.32 31.86 -16.04
C VAL B 249 -0.49 30.95 -14.85
N THR B 250 -0.99 31.49 -13.74
CA THR B 250 -1.34 30.67 -12.62
C THR B 250 -2.67 31.12 -12.02
N LEU B 251 -3.43 30.15 -11.52
CA LEU B 251 -4.76 30.35 -10.98
C LEU B 251 -4.82 29.53 -9.70
N LEU B 252 -4.90 30.25 -8.57
CA LEU B 252 -5.05 29.64 -7.24
C LEU B 252 -6.44 29.97 -6.73
N ALA B 253 -7.27 28.92 -6.61
CA ALA B 253 -8.66 29.06 -6.23
C ALA B 253 -8.93 28.37 -4.90
N MET B 254 -9.77 28.97 -4.08
CA MET B 254 -10.23 28.30 -2.89
C MET B 254 -11.66 28.68 -2.52
N GLN B 255 -12.40 27.70 -2.01
CA GLN B 255 -13.77 27.89 -1.54
C GLN B 255 -13.85 27.50 -0.05
N ARG B 256 -14.52 28.32 0.74
CA ARG B 256 -14.64 28.05 2.16
C ARG B 256 -15.71 27.00 2.29
N ARG B 257 -15.50 26.01 3.17
CA ARG B 257 -16.50 24.97 3.36
C ARG B 257 -16.74 24.64 4.84
N ALA B 258 -17.80 23.89 5.08
CA ALA B 258 -18.10 23.37 6.41
C ALA B 258 -17.20 22.15 6.58
N PRO B 259 -16.59 22.00 7.77
CA PRO B 259 -15.81 20.79 8.00
C PRO B 259 -16.67 19.53 7.97
N THR B 260 -16.10 18.47 7.42
CA THR B 260 -16.63 17.16 7.55
C THR B 260 -16.36 16.73 8.99
N PRO B 261 -17.31 16.05 9.62
CA PRO B 261 -17.00 15.50 10.92
C PRO B 261 -15.87 14.46 10.91
N PRO B 262 -15.18 14.28 12.04
CA PRO B 262 -14.21 13.17 12.16
C PRO B 262 -14.87 11.80 12.02
N LEU B 263 -14.06 10.81 11.72
CA LEU B 263 -14.49 9.45 11.58
C LEU B 263 -14.30 8.68 12.88
N HIS B 264 -15.29 7.88 13.27
N HIS B 264 -15.36 7.97 13.28
CA HIS B 264 -15.14 7.03 14.47
CA HIS B 264 -15.29 7.01 14.38
C HIS B 264 -15.97 5.73 14.42
C HIS B 264 -15.96 5.70 13.98
N ILE B 265 -15.28 4.60 14.24
CA ILE B 265 -15.88 3.28 14.07
C ILE B 265 -15.47 2.49 15.29
N THR B 266 -16.44 1.91 15.98
CA THR B 266 -16.16 0.91 17.02
C THR B 266 -16.71 -0.38 16.46
N LEU B 267 -15.91 -1.42 16.34
CA LEU B 267 -16.47 -2.67 15.84
C LEU B 267 -15.86 -3.94 16.41
N ASP B 268 -16.51 -5.07 16.11
CA ASP B 268 -16.07 -6.38 16.51
C ASP B 268 -14.79 -6.77 15.78
N ALA B 269 -13.86 -7.39 16.52
CA ALA B 269 -12.61 -7.86 15.98
C ALA B 269 -12.85 -9.18 15.31
N THR B 270 -13.50 -9.12 14.16
CA THR B 270 -13.88 -10.30 13.41
C THR B 270 -13.26 -10.23 12.01
N ILE B 271 -13.51 -11.30 11.27
CA ILE B 271 -12.95 -11.53 9.93
C ILE B 271 -13.26 -10.39 8.95
N ASN B 272 -14.44 -9.77 9.10
CA ASN B 272 -14.93 -8.71 8.22
C ASN B 272 -14.65 -7.31 8.65
N ALA B 273 -13.83 -7.15 9.69
CA ALA B 273 -13.59 -5.84 10.29
C ALA B 273 -12.85 -4.90 9.36
N ALA B 274 -11.87 -5.41 8.63
CA ALA B 274 -11.06 -4.51 7.79
C ALA B 274 -11.88 -4.02 6.59
N ARG B 275 -12.68 -4.92 6.05
CA ARG B 275 -13.61 -4.62 4.98
C ARG B 275 -14.53 -3.46 5.39
N THR B 276 -15.12 -3.53 6.57
CA THR B 276 -16.00 -2.47 7.07
C THR B 276 -15.24 -1.15 7.26
N VAL B 277 -14.08 -1.22 7.90
CA VAL B 277 -13.30 -0.01 8.10
C VAL B 277 -12.90 0.63 6.77
N ARG B 278 -12.35 -0.16 5.83
CA ARG B 278 -12.02 0.31 4.49
C ARG B 278 -13.19 1.07 3.83
N ALA B 279 -14.39 0.50 3.85
CA ALA B 279 -15.54 1.10 3.16
C ALA B 279 -15.80 2.48 3.72
N GLN B 280 -15.88 2.57 5.04
CA GLN B 280 -16.21 3.83 5.69
C GLN B 280 -15.09 4.80 5.62
N LEU B 281 -13.86 4.30 5.63
CA LEU B 281 -12.68 5.14 5.49
C LEU B 281 -12.56 5.81 4.12
N ARG B 282 -12.94 5.07 3.07
CA ARG B 282 -12.97 5.58 1.71
C ARG B 282 -14.03 6.65 1.56
N GLU B 283 -15.20 6.43 2.14
CA GLU B 283 -16.26 7.41 2.04
C GLU B 283 -15.79 8.70 2.71
N TRP B 284 -15.24 8.55 3.89
CA TRP B 284 -14.89 9.70 4.66
C TRP B 284 -13.78 10.52 4.01
N LEU B 285 -12.78 9.84 3.46
CA LEU B 285 -11.70 10.49 2.75
C LEU B 285 -12.19 11.17 1.45
N ALA B 286 -13.18 10.58 0.80
CA ALA B 286 -13.79 11.23 -0.34
C ALA B 286 -14.46 12.51 0.12
N GLU B 287 -15.17 12.45 1.24
CA GLU B 287 -15.89 13.63 1.76
C GLU B 287 -14.95 14.76 2.10
N ILE B 288 -13.76 14.48 2.66
CA ILE B 288 -12.83 15.59 2.97
C ILE B 288 -12.03 16.04 1.74
N GLY B 289 -12.17 15.32 0.63
CA GLY B 289 -11.58 15.70 -0.63
C GLY B 289 -10.15 15.25 -0.83
N ALA B 290 -9.76 14.13 -0.26
CA ALA B 290 -8.44 13.52 -0.50
C ALA B 290 -8.27 12.94 -1.92
N ASP B 291 -7.02 12.95 -2.37
CA ASP B 291 -6.59 12.46 -3.70
C ASP B 291 -6.37 10.95 -3.63
N HIS B 292 -6.46 10.27 -4.77
CA HIS B 292 -6.47 8.81 -4.75
C HIS B 292 -5.24 8.19 -4.10
N SER B 293 -4.08 8.75 -4.36
CA SER B 293 -2.83 8.27 -3.81
C SER B 293 -2.84 8.31 -2.31
N ASP B 294 -3.35 9.40 -1.77
CA ASP B 294 -3.41 9.54 -0.32
C ASP B 294 -4.44 8.57 0.20
N ILE B 295 -5.55 8.42 -0.51
CA ILE B 295 -6.57 7.50 -0.09
C ILE B 295 -5.96 6.10 -0.02
N ALA B 296 -5.18 5.73 -1.03
CA ALA B 296 -4.65 4.39 -1.10
C ALA B 296 -3.63 4.17 0.01
N ASP B 297 -2.82 5.18 0.29
CA ASP B 297 -1.83 5.04 1.35
C ASP B 297 -2.51 4.83 2.68
N ILE B 298 -3.44 5.72 2.98
CA ILE B 298 -4.06 5.71 4.29
C ILE B 298 -4.93 4.47 4.43
N VAL B 299 -5.70 4.11 3.42
CA VAL B 299 -6.52 2.91 3.54
C VAL B 299 -5.70 1.62 3.73
N HIS B 300 -4.57 1.54 3.03
CA HIS B 300 -3.67 0.39 3.14
C HIS B 300 -3.23 0.29 4.61
N ALA B 301 -2.71 1.39 5.14
CA ALA B 301 -2.18 1.39 6.48
C ALA B 301 -3.22 0.94 7.49
N ILE B 302 -4.41 1.49 7.45
CA ILE B 302 -5.39 1.22 8.50
C ILE B 302 -6.04 -0.14 8.38
N SER B 303 -6.25 -0.58 7.15
CA SER B 303 -6.76 -1.94 6.91
C SER B 303 -5.83 -2.91 7.59
N GLU B 304 -4.54 -2.71 7.38
CA GLU B 304 -3.54 -3.62 7.96
C GLU B 304 -3.44 -3.56 9.48
N PHE B 305 -3.54 -2.36 10.02
CA PHE B 305 -3.66 -2.21 11.44
C PHE B 305 -4.85 -3.02 11.94
N VAL B 306 -5.98 -2.93 11.25
CA VAL B 306 -7.13 -3.67 11.69
C VAL B 306 -6.90 -5.17 11.62
N GLU B 307 -6.35 -5.65 10.52
CA GLU B 307 -6.22 -7.08 10.32
C GLU B 307 -5.28 -7.69 11.32
N ASN B 308 -4.29 -6.91 11.74
CA ASN B 308 -3.29 -7.35 12.70
C ASN B 308 -3.87 -7.37 14.08
N ALA B 309 -4.71 -6.42 14.40
CA ALA B 309 -5.49 -6.45 15.62
C ALA B 309 -6.35 -7.70 15.67
N VAL B 310 -7.00 -8.02 14.56
CA VAL B 310 -7.84 -9.19 14.51
C VAL B 310 -7.01 -10.47 14.66
N GLU B 311 -6.03 -10.66 13.79
CA GLU B 311 -5.37 -11.98 13.74
C GLU B 311 -4.50 -12.21 14.97
N HIS B 312 -3.63 -11.27 15.31
CA HIS B 312 -2.79 -11.41 16.50
C HIS B 312 -3.55 -10.86 17.71
N GLY B 313 -4.85 -11.19 17.80
CA GLY B 313 -5.72 -10.69 18.87
C GLY B 313 -5.96 -11.78 19.89
N TYR B 314 -5.32 -11.64 21.06
CA TYR B 314 -5.42 -12.67 22.12
C TYR B 314 -6.68 -12.61 22.98
N ALA B 315 -7.62 -11.73 22.61
CA ALA B 315 -8.83 -11.52 23.40
C ALA B 315 -9.85 -12.64 23.21
N THR B 316 -10.55 -13.00 24.30
CA THR B 316 -11.81 -13.75 24.25
C THR B 316 -12.89 -12.78 23.76
N ASP B 317 -12.96 -11.63 24.45
CA ASP B 317 -13.78 -10.48 24.01
C ASP B 317 -13.35 -10.04 22.60
N VAL B 318 -13.96 -10.68 21.62
CA VAL B 318 -13.97 -10.21 20.26
C VAL B 318 -14.86 -8.95 20.15
N SER B 319 -15.93 -8.95 20.95
CA SER B 319 -17.01 -7.95 20.92
C SER B 319 -16.56 -6.49 21.08
N LYS B 320 -16.77 -5.67 20.05
CA LYS B 320 -16.41 -4.26 20.09
C LYS B 320 -14.93 -3.96 20.41
N GLY B 321 -14.05 -4.88 20.04
CA GLY B 321 -12.66 -4.81 20.46
C GLY B 321 -11.78 -3.88 19.67
N ILE B 322 -12.32 -3.23 18.65
CA ILE B 322 -11.52 -2.42 17.76
C ILE B 322 -12.10 -1.01 17.60
N VAL B 323 -11.31 -0.02 17.96
CA VAL B 323 -11.76 1.36 17.86
C VAL B 323 -10.90 2.09 16.87
N VAL B 324 -11.51 2.68 15.85
CA VAL B 324 -10.79 3.41 14.82
C VAL B 324 -11.23 4.85 14.83
N ALA B 325 -10.27 5.77 14.83
CA ALA B 325 -10.55 7.20 14.79
C ALA B 325 -9.67 7.80 13.74
N ALA B 326 -10.21 8.76 13.00
CA ALA B 326 -9.45 9.47 11.98
C ALA B 326 -10.00 10.89 11.88
N ALA B 327 -9.10 11.87 11.82
CA ALA B 327 -9.50 13.25 11.69
C ALA B 327 -8.46 14.01 10.87
N LEU B 328 -8.93 15.07 10.18
CA LEU B 328 -8.10 16.04 9.49
C LEU B 328 -8.08 17.35 10.28
N ALA B 329 -6.89 17.92 10.47
CA ALA B 329 -6.74 19.18 11.19
C ALA B 329 -6.34 20.26 10.22
N GLY B 330 -6.34 21.50 10.67
CA GLY B 330 -6.12 22.64 9.80
C GLY B 330 -4.68 22.82 9.38
N ASP B 331 -3.82 21.89 9.79
CA ASP B 331 -2.45 21.86 9.31
C ASP B 331 -2.32 20.89 8.12
N GLY B 332 -3.43 20.33 7.67
CA GLY B 332 -3.41 19.50 6.46
C GLY B 332 -3.02 18.04 6.66
N ASN B 333 -2.85 17.60 7.91
CA ASN B 333 -2.52 16.20 8.20
C ASN B 333 -3.74 15.40 8.64
N VAL B 334 -3.82 14.16 8.19
CA VAL B 334 -4.81 13.28 8.73
C VAL B 334 -4.07 12.56 9.82
N ARG B 335 -4.73 12.43 10.95
CA ARG B 335 -4.22 11.70 12.10
C ARG B 335 -5.26 10.61 12.39
N ALA B 336 -4.80 9.38 12.54
CA ALA B 336 -5.72 8.26 12.78
C ALA B 336 -5.11 7.27 13.74
N SER B 337 -5.97 6.59 14.48
CA SER B 337 -5.56 5.57 15.41
C SER B 337 -6.40 4.31 15.26
N VAL B 338 -5.77 3.16 15.49
CA VAL B 338 -6.51 1.91 15.64
C VAL B 338 -6.15 1.31 16.97
N ILE B 339 -7.16 1.16 17.85
CA ILE B 339 -6.93 0.70 19.21
C ILE B 339 -7.60 -0.64 19.42
N ASP B 340 -6.85 -1.58 19.99
CA ASP B 340 -7.41 -2.93 20.25
C ASP B 340 -7.11 -3.39 21.66
N ARG B 341 -7.62 -4.57 22.04
CA ARG B 341 -7.47 -5.04 23.44
C ARG B 341 -6.27 -5.96 23.74
N GLY B 342 -5.45 -6.24 22.72
CA GLY B 342 -4.06 -6.61 22.97
C GLY B 342 -3.52 -7.57 21.96
N GLN B 343 -2.36 -7.25 21.41
CA GLN B 343 -1.69 -8.14 20.44
C GLN B 343 -0.65 -9.02 21.09
N TRP B 344 -0.29 -10.08 20.37
CA TRP B 344 0.55 -11.16 20.87
C TRP B 344 1.84 -11.17 20.08
N GLY B 357 4.08 -4.42 10.49
CA GLY B 357 3.25 -3.52 11.28
C GLY B 357 3.63 -2.05 11.12
N LEU B 358 4.81 -1.70 11.62
CA LEU B 358 5.33 -0.32 11.62
C LEU B 358 6.18 -0.04 10.36
N ALA B 359 7.00 -1.01 9.94
CA ALA B 359 7.78 -0.88 8.70
C ALA B 359 6.85 -0.84 7.47
N MET B 360 5.73 -1.55 7.58
CA MET B 360 4.61 -1.48 6.65
C MET B 360 4.17 -0.02 6.52
N ALA B 361 3.70 0.55 7.63
CA ALA B 361 3.10 1.88 7.62
C ALA B 361 4.11 3.00 7.29
N GLU B 362 5.31 2.93 7.89
CA GLU B 362 6.30 3.97 7.69
C GLU B 362 6.62 4.20 6.22
N ALA B 363 6.59 3.13 5.42
CA ALA B 363 6.75 3.23 3.96
C ALA B 363 5.50 3.79 3.21
N LEU B 364 4.33 3.81 3.85
CA LEU B 364 3.07 4.21 3.18
C LEU B 364 2.66 5.64 3.44
N VAL B 365 3.00 6.13 4.61
CA VAL B 365 2.40 7.34 5.15
C VAL B 365 3.47 8.18 5.87
N SER B 366 3.24 9.47 6.04
CA SER B 366 4.28 10.36 6.57
C SER B 366 4.86 9.87 7.91
N GLU B 367 4.04 9.30 8.79
CA GLU B 367 4.59 8.60 9.96
C GLU B 367 3.59 7.71 10.69
N ALA B 368 4.13 6.69 11.33
CA ALA B 368 3.33 5.67 12.02
C ALA B 368 4.01 5.34 13.35
N ARG B 369 3.24 4.76 14.25
CA ARG B 369 3.71 4.43 15.59
C ARG B 369 2.91 3.29 16.16
N ILE B 370 3.57 2.46 16.96
CA ILE B 370 2.93 1.39 17.69
C ILE B 370 3.22 1.57 19.17
N MET B 371 2.17 1.51 19.99
CA MET B 371 2.29 1.54 21.44
C MET B 371 1.56 0.32 22.00
N HIS B 372 2.18 -0.37 22.95
CA HIS B 372 1.64 -1.60 23.55
C HIS B 372 1.50 -1.42 25.04
N GLY B 373 0.41 -1.93 25.60
CA GLY B 373 0.25 -2.00 27.04
C GLY B 373 -0.36 -3.33 27.40
N ALA B 374 -0.33 -3.67 28.68
CA ALA B 374 -1.15 -4.75 29.17
C ALA B 374 -2.55 -4.45 28.68
N GLY B 375 -3.21 -5.43 28.08
CA GLY B 375 -4.56 -5.23 27.56
C GLY B 375 -4.75 -4.21 26.42
N GLY B 376 -3.69 -3.82 25.71
CA GLY B 376 -3.91 -2.95 24.55
C GLY B 376 -2.78 -2.67 23.58
N THR B 377 -3.15 -2.46 22.33
CA THR B 377 -2.25 -1.95 21.31
C THR B 377 -2.85 -0.72 20.65
N THR B 378 -2.04 0.32 20.48
CA THR B 378 -2.44 1.47 19.66
C THR B 378 -1.50 1.62 18.46
N ALA B 379 -2.09 1.61 17.27
CA ALA B 379 -1.35 1.83 16.02
C ALA B 379 -1.86 3.18 15.50
N THR B 380 -0.94 4.11 15.26
CA THR B 380 -1.36 5.42 14.79
C THR B 380 -0.61 5.81 13.51
N LEU B 381 -1.23 6.74 12.80
CA LEU B 381 -0.54 7.39 11.74
C LEU B 381 -0.90 8.86 11.61
N THR B 382 0.09 9.61 11.13
CA THR B 382 -0.12 10.96 10.68
C THR B 382 0.25 10.94 9.22
N HIS B 383 -0.63 11.45 8.37
CA HIS B 383 -0.34 11.56 6.95
C HIS B 383 -0.67 12.94 6.40
N ARG B 384 0.29 13.57 5.72
CA ARG B 384 0.07 14.87 5.10
C ARG B 384 -0.67 14.75 3.78
N LEU B 385 -1.79 15.45 3.64
CA LEU B 385 -2.57 15.43 2.41
C LEU B 385 -2.13 16.53 1.43
N SER B 386 -2.04 16.12 0.17
CA SER B 386 -1.75 17.04 -0.89
C SER B 386 -2.60 16.63 -2.10
N ARG B 387 -2.89 17.59 -2.98
CA ARG B 387 -3.50 17.32 -4.27
C ARG B 387 -2.61 18.03 -5.25
N PRO B 388 -2.33 17.41 -6.39
CA PRO B 388 -1.46 18.08 -7.34
C PRO B 388 -2.14 19.29 -7.99
N ALA B 389 -1.34 20.32 -8.29
CA ALA B 389 -1.83 21.41 -9.13
C ALA B 389 -1.82 20.87 -10.54
N ARG B 390 -2.74 21.32 -11.39
CA ARG B 390 -2.64 20.92 -12.80
C ARG B 390 -1.70 21.84 -13.63
N PHE B 391 -0.70 21.21 -14.22
CA PHE B 391 0.26 21.89 -15.09
C PHE B 391 -0.17 21.69 -16.53
N VAL B 392 -0.72 22.74 -17.15
CA VAL B 392 -1.44 22.62 -18.42
C VAL B 392 -0.61 22.96 -19.67
N THR B 393 -0.86 22.24 -20.76
CA THR B 393 -0.16 22.48 -22.04
C THR B 393 -0.98 21.91 -23.24
N ASP B 394 -1.53 22.76 -24.12
CA ASP B 394 -1.61 24.23 -23.98
C ASP B 394 -3.10 24.68 -24.06
N THR B 395 -3.82 24.13 -25.03
CA THR B 395 -5.28 23.98 -24.94
C THR B 395 -5.52 22.53 -24.49
N MET B 396 -4.61 21.64 -24.94
CA MET B 396 -4.52 20.23 -24.55
C MET B 396 -5.17 19.33 -25.61
S SO4 C . -10.78 -1.55 -1.11
O1 SO4 C . -11.05 -2.95 -1.26
O2 SO4 C . -11.28 -0.85 -2.27
O3 SO4 C . -11.47 -1.09 0.07
O4 SO4 C . -9.38 -1.28 -1.01
C1 GOL D . -6.47 -1.16 -0.65
O1 GOL D . -6.89 0.03 -1.32
C2 GOL D . -5.14 -0.88 0.02
O2 GOL D . -4.38 -2.04 0.19
C3 GOL D . -4.32 0.04 -0.86
O3 GOL D . -4.83 1.32 -0.92
MN MN E . 15.45 -34.41 16.99
MN MN F . 12.31 -35.93 17.17
MN MN G . 6.89 37.46 -14.78
MN MN H . 3.21 38.03 -15.70
#